data_3BB9
#
_entry.id   3BB9
#
_cell.length_a   42.558
_cell.length_b   113.820
_cell.length_c   137.132
_cell.angle_alpha   90.000
_cell.angle_beta   90.000
_cell.angle_gamma   90.000
#
_symmetry.space_group_name_H-M   'P 21 21 21'
#
loop_
_entity.id
_entity.type
_entity.pdbx_description
1 polymer 'Putative orphan protein'
2 non-polymer 1,2-ETHANEDIOL
3 water water
#
_entity_poly.entity_id   1
_entity_poly.type   'polypeptide(L)'
_entity_poly.pdbx_seq_one_letter_code
;G(MSE)SAGQSSLSFAHGDETHPIEQKAFIGVDSAAGNVVKQFHAALQ(MSE)GNEAIVRQSLAANVQIYEGGKVERSLT
EYANHH(MSE)LAD(MSE)AYLKGLTITPKEHQITITGDIAISTSISHAQGEYKGKSIDS(MSE)T(MSE)ETLVLIKQA
DGRWKITHVHWS
;
_entity_poly.pdbx_strand_id   A,B,C,D,E,F
#
# COMPACT_ATOMS: atom_id res chain seq x y z
N ALA A 24 6.56 34.22 -6.83
CA ALA A 24 5.72 32.99 -6.88
C ALA A 24 6.49 31.75 -7.34
N PHE A 25 7.60 31.89 -8.05
CA PHE A 25 8.68 30.91 -7.94
C PHE A 25 9.94 31.43 -7.29
N ILE A 26 10.14 31.10 -6.04
CA ILE A 26 11.21 31.61 -5.19
C ILE A 26 11.96 30.47 -4.56
N GLY A 27 13.28 30.56 -4.59
CA GLY A 27 14.14 29.58 -3.90
C GLY A 27 14.20 28.16 -4.47
N VAL A 28 13.68 27.95 -5.69
CA VAL A 28 13.53 26.60 -6.25
C VAL A 28 14.85 25.97 -6.77
N ASP A 29 15.85 26.81 -7.00
CA ASP A 29 17.16 26.35 -7.48
C ASP A 29 18.18 26.12 -6.35
N SER A 30 17.70 26.12 -5.11
CA SER A 30 18.56 25.87 -3.98
C SER A 30 18.84 24.38 -3.90
N ALA A 31 19.78 24.04 -3.02
CA ALA A 31 20.13 22.66 -2.74
C ALA A 31 18.90 21.91 -2.26
N ALA A 32 18.11 22.54 -1.39
CA ALA A 32 16.88 21.89 -0.91
C ALA A 32 15.85 21.75 -2.04
N GLY A 33 15.81 22.76 -2.90
CA GLY A 33 14.98 22.81 -4.07
C GLY A 33 15.28 21.69 -5.02
N ASN A 34 16.55 21.33 -5.15
CA ASN A 34 16.92 20.20 -5.99
C ASN A 34 16.41 18.87 -5.46
N VAL A 35 16.35 18.70 -4.15
CA VAL A 35 15.81 17.45 -3.57
C VAL A 35 14.31 17.45 -3.85
N VAL A 36 13.66 18.60 -3.71
CA VAL A 36 12.21 18.70 -3.96
C VAL A 36 11.94 18.32 -5.43
N LYS A 37 12.76 18.84 -6.34
CA LYS A 37 12.62 18.56 -7.79
C LYS A 37 12.79 17.08 -8.12
N GLN A 38 13.87 16.48 -7.62
CA GLN A 38 14.09 15.02 -7.74
C GLN A 38 12.98 14.16 -7.15
N PHE A 39 12.39 14.61 -6.06
CA PHE A 39 11.33 13.86 -5.38
C PHE A 39 10.08 13.85 -6.28
N HIS A 40 9.71 15.05 -6.70
CA HIS A 40 8.58 15.24 -7.62
C HIS A 40 8.81 14.39 -8.87
N ALA A 41 9.97 14.56 -9.51
CA ALA A 41 10.22 13.85 -10.77
C ALA A 41 10.20 12.33 -10.55
N ALA A 42 10.77 11.87 -9.44
CA ALA A 42 10.85 10.46 -9.11
C ALA A 42 9.48 9.81 -8.84
N LEU A 43 8.59 10.51 -8.15
CA LEU A 43 7.22 10.02 -8.01
C LEU A 43 6.51 9.94 -9.38
N GLN A 44 6.66 11.00 -10.18
CA GLN A 44 5.98 11.10 -11.48
C GLN A 44 6.55 10.08 -12.46
N GLY A 46 8.14 7.05 -11.40
CA GLY A 46 8.22 5.74 -10.82
C GLY A 46 9.62 5.32 -10.41
N ASN A 47 10.44 6.25 -9.92
CA ASN A 47 11.80 5.86 -9.49
C ASN A 47 11.88 5.72 -7.94
N GLU A 48 11.76 4.50 -7.46
CA GLU A 48 11.72 4.22 -6.01
C GLU A 48 13.03 4.54 -5.31
N ALA A 49 14.16 4.27 -5.98
CA ALA A 49 15.45 4.54 -5.41
C ALA A 49 15.57 6.02 -5.06
N ILE A 50 15.15 6.88 -5.97
CA ILE A 50 15.29 8.32 -5.74
C ILE A 50 14.29 8.75 -4.66
N VAL A 51 13.03 8.33 -4.74
CA VAL A 51 12.06 8.69 -3.69
C VAL A 51 12.64 8.28 -2.31
N ARG A 52 13.20 7.08 -2.20
CA ARG A 52 13.76 6.61 -0.92
C ARG A 52 14.96 7.44 -0.42
N GLN A 53 15.75 8.00 -1.33
CA GLN A 53 16.90 8.81 -0.91
C GLN A 53 16.48 10.22 -0.55
N SER A 54 15.31 10.62 -0.98
CA SER A 54 14.77 11.96 -0.75
C SER A 54 14.07 12.12 0.58
N LEU A 55 13.56 11.01 1.11
CA LEU A 55 12.81 11.05 2.37
C LEU A 55 13.64 10.56 3.56
N ALA A 56 13.52 11.25 4.68
CA ALA A 56 14.10 10.78 5.92
C ALA A 56 13.46 9.43 6.33
N ALA A 57 14.20 8.60 7.09
CA ALA A 57 13.72 7.31 7.58
C ALA A 57 12.42 7.40 8.37
N ASN A 58 12.29 8.50 9.08
CA ASN A 58 11.16 8.71 9.96
C ASN A 58 10.27 9.85 9.45
N VAL A 59 10.18 9.95 8.12
CA VAL A 59 9.32 10.94 7.48
C VAL A 59 7.87 10.75 7.90
N GLN A 60 7.16 11.87 8.03
CA GLN A 60 5.74 11.88 8.26
C GLN A 60 5.04 12.35 6.98
N ILE A 61 3.99 11.61 6.59
CA ILE A 61 3.17 11.92 5.42
C ILE A 61 1.73 12.11 5.85
N TYR A 62 1.20 13.31 5.57
CA TYR A 62 -0.19 13.67 5.80
C TYR A 62 -0.93 13.75 4.44
N GLU A 63 -1.99 12.98 4.28
CA GLU A 63 -2.84 13.07 3.09
C GLU A 63 -4.22 12.44 3.31
N GLY A 64 -5.28 13.12 2.88
CA GLY A 64 -6.60 12.55 2.93
C GLY A 64 -7.03 12.03 4.29
N GLY A 65 -6.64 12.77 5.32
CA GLY A 65 -6.99 12.42 6.69
C GLY A 65 -6.17 11.31 7.33
N LYS A 66 -5.22 10.73 6.59
CA LYS A 66 -4.39 9.63 7.09
C LYS A 66 -2.89 10.00 7.20
N VAL A 67 -2.20 9.33 8.11
CA VAL A 67 -0.82 9.65 8.37
C VAL A 67 0.05 8.37 8.28
N GLU A 68 1.17 8.50 7.60
CA GLU A 68 2.21 7.50 7.68
C GLU A 68 3.35 8.11 8.43
N ARG A 69 4.11 7.25 9.10
CA ARG A 69 5.09 7.69 10.08
C ARG A 69 6.49 7.19 9.86
N SER A 70 6.79 6.66 8.69
CA SER A 70 8.14 6.26 8.40
C SER A 70 8.30 6.01 6.92
N LEU A 71 9.55 6.03 6.44
CA LEU A 71 9.83 5.77 5.04
C LEU A 71 9.37 4.36 4.68
N THR A 72 9.74 3.39 5.52
CA THR A 72 9.42 1.99 5.20
C THR A 72 7.93 1.76 5.04
N GLU A 73 7.14 2.34 5.95
CA GLU A 73 5.68 2.27 5.85
C GLU A 73 5.22 2.90 4.55
N TYR A 74 5.62 4.15 4.29
CA TYR A 74 5.18 4.82 3.06
C TYR A 74 5.55 4.00 1.82
N ALA A 75 6.81 3.55 1.78
CA ALA A 75 7.38 2.89 0.60
C ALA A 75 6.75 1.53 0.32
N ASN A 76 6.31 0.87 1.38
CA ASN A 76 5.78 -0.47 1.22
C ASN A 76 4.50 -0.50 0.41
N HIS A 77 3.78 0.60 0.39
CA HIS A 77 2.46 0.64 -0.21
C HIS A 77 2.00 1.99 -0.82
N HIS A 78 1.80 3.00 0.01
CA HIS A 78 1.30 4.33 -0.42
C HIS A 78 2.17 4.91 -1.56
N LEU A 80 3.79 3.32 -4.04
CA LEU A 80 3.45 2.65 -5.29
C LEU A 80 2.05 3.04 -5.82
N ALA A 81 1.11 3.28 -4.89
CA ALA A 81 -0.20 3.78 -5.22
C ALA A 81 -0.13 5.20 -5.78
N ASP A 82 0.72 6.03 -5.16
CA ASP A 82 0.95 7.41 -5.61
C ASP A 82 1.56 7.43 -7.00
N ALA A 84 1.30 5.14 -9.24
CA ALA A 84 0.28 4.61 -10.17
C ALA A 84 -0.73 5.74 -10.48
N TYR A 85 -1.15 6.48 -9.47
CA TYR A 85 -2.05 7.59 -9.66
C TYR A 85 -1.42 8.63 -10.61
N LEU A 86 -0.16 8.98 -10.37
CA LEU A 86 0.53 10.02 -11.20
C LEU A 86 0.84 9.64 -12.66
N LYS A 87 0.86 8.34 -12.96
CA LYS A 87 1.23 7.85 -14.27
C LYS A 87 0.28 8.42 -15.35
N GLY A 88 -1.00 8.57 -14.99
CA GLY A 88 -2.00 9.12 -15.92
C GLY A 88 -2.32 10.61 -15.81
N LEU A 89 -1.56 11.33 -14.97
CA LEU A 89 -1.78 12.77 -14.76
C LEU A 89 -0.65 13.63 -15.36
N THR A 90 -1.05 14.84 -15.76
CA THR A 90 -0.13 15.94 -16.10
C THR A 90 -0.10 16.95 -14.92
N ILE A 91 1.08 17.11 -14.31
CA ILE A 91 1.30 17.99 -13.13
C ILE A 91 2.00 19.29 -13.56
N THR A 92 1.25 20.40 -13.55
CA THR A 92 1.78 21.71 -13.92
C THR A 92 1.98 22.61 -12.69
N PRO A 93 3.25 22.90 -12.34
CA PRO A 93 3.46 23.86 -11.24
C PRO A 93 2.88 25.26 -11.48
N LYS A 94 2.12 25.78 -10.50
CA LYS A 94 1.55 27.13 -10.58
C LYS A 94 2.29 28.10 -9.70
N GLU A 95 2.76 27.64 -8.55
CA GLU A 95 3.63 28.46 -7.75
C GLU A 95 4.46 27.56 -6.82
N HIS A 96 5.63 28.05 -6.39
CA HIS A 96 6.55 27.30 -5.54
C HIS A 96 7.51 28.22 -4.81
N GLN A 97 7.46 28.18 -3.48
CA GLN A 97 8.32 28.97 -2.61
C GLN A 97 9.07 28.03 -1.66
N ILE A 98 10.39 28.15 -1.64
CA ILE A 98 11.21 27.44 -0.67
C ILE A 98 11.91 28.47 0.15
N THR A 99 11.86 28.31 1.47
CA THR A 99 12.47 29.23 2.40
C THR A 99 13.40 28.42 3.28
N ILE A 100 14.64 28.89 3.42
CA ILE A 100 15.68 28.21 4.17
C ILE A 100 15.99 29.00 5.43
N THR A 101 16.04 28.30 6.56
CA THR A 101 16.38 28.87 7.86
C THR A 101 17.38 27.93 8.54
N GLY A 102 18.66 28.22 8.37
CA GLY A 102 19.70 27.33 8.83
C GLY A 102 19.56 25.95 8.22
N ASP A 103 19.36 24.95 9.08
CA ASP A 103 19.26 23.55 8.61
C ASP A 103 17.85 23.05 8.26
N ILE A 104 16.86 23.95 8.24
N ILE A 104 16.86 23.93 8.20
CA ILE A 104 15.49 23.63 7.85
CA ILE A 104 15.50 23.54 7.81
C ILE A 104 15.15 24.39 6.56
C ILE A 104 15.02 24.40 6.64
N ALA A 105 14.42 23.73 5.66
CA ALA A 105 13.89 24.37 4.48
C ALA A 105 12.39 24.02 4.46
N ILE A 106 11.56 24.96 4.03
CA ILE A 106 10.15 24.75 3.93
C ILE A 106 9.79 24.98 2.47
N SER A 107 9.12 24.02 1.86
CA SER A 107 8.67 24.12 0.45
C SER A 107 7.15 24.14 0.39
N THR A 108 6.56 25.19 -0.21
CA THR A 108 5.13 25.31 -0.35
C THR A 108 4.87 25.47 -1.83
N SER A 109 4.08 24.56 -2.39
CA SER A 109 3.74 24.63 -3.81
C SER A 109 2.26 24.34 -4.09
N ILE A 110 1.82 24.86 -5.23
CA ILE A 110 0.50 24.64 -5.74
C ILE A 110 0.66 24.26 -7.21
N SER A 111 -0.01 23.21 -7.61
CA SER A 111 0.10 22.71 -8.96
C SER A 111 -1.26 22.27 -9.47
N HIS A 112 -1.39 22.28 -10.80
CA HIS A 112 -2.59 21.80 -11.50
C HIS A 112 -2.40 20.35 -11.89
N ALA A 113 -3.37 19.52 -11.48
CA ALA A 113 -3.36 18.11 -11.78
C ALA A 113 -4.53 17.88 -12.75
N GLN A 114 -4.21 17.42 -13.95
CA GLN A 114 -5.23 17.21 -14.94
C GLN A 114 -4.96 15.87 -15.65
N GLY A 115 -6.03 15.09 -15.79
CA GLY A 115 -5.95 13.75 -16.40
C GLY A 115 -7.12 12.88 -16.00
N GLU A 116 -6.83 11.60 -15.75
CA GLU A 116 -7.85 10.71 -15.19
C GLU A 116 -7.23 9.50 -14.47
N TYR A 117 -8.06 8.90 -13.61
CA TYR A 117 -7.70 7.76 -12.84
C TYR A 117 -9.01 7.06 -12.54
N LYS A 118 -9.00 5.71 -12.53
CA LYS A 118 -10.20 4.92 -12.22
C LYS A 118 -11.44 5.48 -12.94
N SER A 121 -12.41 11.69 -14.73
CA SER A 121 -11.87 13.05 -14.84
C SER A 121 -11.20 13.59 -13.59
N ILE A 122 -9.89 13.87 -13.66
CA ILE A 122 -9.23 14.66 -12.63
C ILE A 122 -8.92 16.03 -13.22
N ASP A 123 -9.40 17.06 -12.54
CA ASP A 123 -9.01 18.42 -12.89
C ASP A 123 -9.03 19.13 -11.58
N SER A 124 -7.89 19.20 -10.92
CA SER A 124 -7.83 19.84 -9.64
C SER A 124 -6.51 20.56 -9.36
N THR A 126 -3.70 21.17 -6.75
CA THR A 126 -3.13 20.35 -5.71
C THR A 126 -2.21 21.25 -4.94
N GLU A 128 0.94 21.29 -1.73
CA GLU A 128 1.96 20.58 -0.99
C GLU A 128 2.82 21.46 -0.09
N THR A 129 2.92 21.02 1.17
CA THR A 129 3.88 21.57 2.09
C THR A 129 4.92 20.44 2.38
N LEU A 130 6.19 20.75 2.13
CA LEU A 130 7.33 19.91 2.54
C LEU A 130 8.24 20.60 3.54
N VAL A 131 8.70 19.86 4.54
CA VAL A 131 9.75 20.29 5.43
C VAL A 131 10.96 19.40 5.11
N LEU A 132 12.13 20.03 4.96
CA LEU A 132 13.39 19.32 4.69
C LEU A 132 14.37 19.71 5.77
N ILE A 133 15.23 18.76 6.19
CA ILE A 133 16.25 19.01 7.22
C ILE A 133 17.60 18.57 6.66
N LYS A 134 18.58 19.47 6.77
CA LYS A 134 19.95 19.20 6.34
C LYS A 134 20.59 18.18 7.29
N GLN A 135 20.98 17.05 6.75
CA GLN A 135 21.58 15.93 7.50
C GLN A 135 23.07 16.18 7.77
N ALA A 136 23.68 15.33 8.61
CA ALA A 136 25.11 15.45 8.98
C ALA A 136 26.08 15.42 7.79
N ASP A 137 25.68 14.76 6.70
CA ASP A 137 26.53 14.71 5.48
C ASP A 137 26.26 15.88 4.51
N GLY A 138 25.31 16.76 4.88
CA GLY A 138 24.98 17.95 4.08
C GLY A 138 23.82 17.78 3.12
N ARG A 139 23.35 16.57 2.94
CA ARG A 139 22.23 16.31 2.06
C ARG A 139 20.94 16.68 2.76
N TRP A 140 20.00 17.24 2.01
CA TRP A 140 18.69 17.55 2.51
C TRP A 140 17.77 16.32 2.40
N LYS A 141 16.96 16.09 3.41
CA LYS A 141 15.98 15.02 3.41
C LYS A 141 14.63 15.55 3.91
N ILE A 142 13.57 15.13 3.22
CA ILE A 142 12.18 15.48 3.55
C ILE A 142 11.72 14.75 4.83
N THR A 143 11.32 15.52 5.83
CA THR A 143 10.90 14.95 7.12
C THR A 143 9.38 15.03 7.31
N HIS A 144 8.70 15.89 6.56
CA HIS A 144 7.25 16.04 6.68
C HIS A 144 6.70 16.43 5.32
N VAL A 145 5.60 15.74 4.95
CA VAL A 145 4.83 15.95 3.74
C VAL A 145 3.34 16.17 4.08
N HIS A 146 2.78 17.24 3.55
CA HIS A 146 1.34 17.49 3.67
C HIS A 146 0.84 17.73 2.26
N TRP A 147 0.02 16.80 1.78
CA TRP A 147 -0.62 16.89 0.46
C TRP A 147 -2.11 17.12 0.55
N SER A 148 -2.63 18.00 -0.29
CA SER A 148 -4.06 18.13 -0.44
C SER A 148 -4.42 18.58 -1.86
N ALA B 24 0.42 10.81 18.80
CA ALA B 24 1.13 11.30 20.02
C ALA B 24 0.90 12.77 20.20
N PHE B 25 1.24 13.25 21.38
CA PHE B 25 1.26 14.69 21.70
C PHE B 25 2.67 15.02 22.14
N ILE B 26 3.40 15.68 21.26
CA ILE B 26 4.83 15.89 21.46
C ILE B 26 5.15 17.35 21.23
N GLY B 27 5.94 17.91 22.15
CA GLY B 27 6.39 19.29 22.02
C GLY B 27 5.37 20.39 22.21
N VAL B 28 4.19 20.06 22.72
CA VAL B 28 3.08 21.03 22.76
C VAL B 28 3.21 21.98 23.94
N ASP B 29 4.02 21.60 24.93
CA ASP B 29 4.25 22.41 26.14
C ASP B 29 5.09 23.69 25.89
N SER B 30 5.69 23.81 24.72
CA SER B 30 6.65 24.84 24.41
C SER B 30 5.99 26.21 24.15
N ALA B 31 6.80 27.25 23.98
CA ALA B 31 6.31 28.55 23.59
C ALA B 31 5.58 28.45 22.26
N ALA B 32 6.13 27.75 21.25
CA ALA B 32 5.45 27.58 19.94
C ALA B 32 4.10 26.87 20.13
N GLY B 33 4.13 25.85 20.96
CA GLY B 33 2.93 25.13 21.34
C GLY B 33 1.87 26.05 21.95
N ASN B 34 2.28 26.94 22.85
CA ASN B 34 1.36 27.89 23.46
C ASN B 34 0.63 28.76 22.41
N VAL B 35 1.39 29.20 21.42
CA VAL B 35 0.85 29.99 20.29
C VAL B 35 -0.08 29.18 19.41
N VAL B 36 0.30 27.94 19.09
CA VAL B 36 -0.60 27.11 18.31
C VAL B 36 -1.93 26.87 19.06
N LYS B 37 -1.85 26.54 20.34
CA LYS B 37 -3.05 26.28 21.15
C LYS B 37 -4.00 27.48 21.27
N GLN B 38 -3.45 28.67 21.49
CA GLN B 38 -4.25 29.88 21.57
C GLN B 38 -4.86 30.23 20.23
N PHE B 39 -4.15 29.93 19.15
CA PHE B 39 -4.64 30.14 17.79
C PHE B 39 -5.88 29.27 17.45
N HIS B 40 -5.79 27.98 17.71
CA HIS B 40 -6.90 27.06 17.65
C HIS B 40 -8.13 27.56 18.43
N ALA B 41 -7.96 27.82 19.73
CA ALA B 41 -9.05 28.31 20.58
C ALA B 41 -9.65 29.60 20.06
N ALA B 42 -8.77 30.51 19.70
CA ALA B 42 -9.19 31.81 19.28
C ALA B 42 -9.98 31.73 18.00
N LEU B 43 -9.56 30.91 17.04
CA LEU B 43 -10.32 30.79 15.79
C LEU B 43 -11.70 30.11 16.06
N GLN B 44 -11.69 29.11 16.95
CA GLN B 44 -12.89 28.42 17.37
C GLN B 44 -13.82 29.31 18.18
N GLY B 46 -13.83 32.78 17.85
CA GLY B 46 -14.07 34.04 17.18
C GLY B 46 -13.34 35.20 17.83
N ASN B 47 -12.21 34.92 18.50
CA ASN B 47 -11.42 35.97 19.16
C ASN B 47 -10.35 36.54 18.19
N GLU B 48 -10.69 37.65 17.55
CA GLU B 48 -9.82 38.29 16.58
C GLU B 48 -8.52 38.86 17.21
N ALA B 49 -8.59 39.33 18.45
CA ALA B 49 -7.38 39.86 19.10
C ALA B 49 -6.28 38.79 19.17
N ILE B 50 -6.68 37.54 19.46
CA ILE B 50 -5.69 36.47 19.65
C ILE B 50 -5.32 35.89 18.29
N VAL B 51 -6.24 35.82 17.35
CA VAL B 51 -5.87 35.34 16.00
C VAL B 51 -4.79 36.29 15.45
N ARG B 52 -4.98 37.59 15.66
CA ARG B 52 -4.04 38.61 15.22
C ARG B 52 -2.65 38.41 15.80
N GLN B 53 -2.60 38.19 17.09
CA GLN B 53 -1.36 38.05 17.83
C GLN B 53 -0.53 36.81 17.35
N SER B 54 -1.26 35.79 16.90
CA SER B 54 -0.71 34.46 16.55
C SER B 54 -0.14 34.37 15.13
N LEU B 55 -0.70 35.14 14.20
CA LEU B 55 -0.32 35.09 12.81
C LEU B 55 0.62 36.22 12.44
N ALA B 56 1.64 35.89 11.64
CA ALA B 56 2.59 36.86 11.14
C ALA B 56 1.87 37.78 10.13
N ALA B 57 2.31 39.04 10.05
CA ALA B 57 1.73 40.01 9.12
C ALA B 57 1.69 39.43 7.73
N ASN B 58 2.74 38.68 7.36
CA ASN B 58 2.80 38.13 6.01
C ASN B 58 2.54 36.63 5.97
N VAL B 59 1.68 36.19 6.86
CA VAL B 59 1.25 34.77 6.83
C VAL B 59 0.70 34.30 5.46
N GLN B 60 1.08 33.08 5.07
CA GLN B 60 0.55 32.41 3.91
C GLN B 60 -0.37 31.25 4.37
N ILE B 61 -1.57 31.18 3.79
CA ILE B 61 -2.58 30.24 4.22
C ILE B 61 -3.02 29.45 2.99
N TYR B 62 -2.91 28.13 3.10
CA TYR B 62 -3.26 27.19 2.06
C TYR B 62 -4.48 26.37 2.48
N GLU B 63 -5.53 26.39 1.68
CA GLU B 63 -6.71 25.54 1.93
C GLU B 63 -7.57 25.40 0.68
N GLY B 64 -7.81 24.16 0.27
CA GLY B 64 -8.71 23.79 -0.84
C GLY B 64 -8.40 24.38 -2.18
N GLY B 65 -7.13 24.43 -2.52
CA GLY B 65 -6.65 24.99 -3.77
C GLY B 65 -6.51 26.49 -3.76
N LYS B 66 -6.85 27.17 -2.66
CA LYS B 66 -6.77 28.65 -2.61
C LYS B 66 -5.73 29.09 -1.60
N VAL B 67 -5.08 30.22 -1.89
CA VAL B 67 -4.01 30.75 -1.05
C VAL B 67 -4.29 32.20 -0.71
N GLU B 68 -4.16 32.54 0.58
CA GLU B 68 -4.15 33.94 1.04
C GLU B 68 -2.73 34.31 1.41
N ARG B 69 -2.32 35.54 1.09
CA ARG B 69 -0.89 35.88 1.18
C ARG B 69 -0.45 36.83 2.28
N SER B 70 -1.41 37.33 3.09
CA SER B 70 -1.08 38.12 4.26
C SER B 70 -2.16 38.01 5.32
N LEU B 71 -1.84 38.45 6.56
CA LEU B 71 -2.83 38.45 7.62
C LEU B 71 -4.05 39.28 7.24
N THR B 72 -3.83 40.49 6.72
CA THR B 72 -4.96 41.38 6.34
C THR B 72 -5.82 40.73 5.24
N GLU B 73 -5.20 40.07 4.27
CA GLU B 73 -5.93 39.34 3.24
C GLU B 73 -6.81 38.25 3.86
N TYR B 74 -6.24 37.42 4.74
CA TYR B 74 -7.01 36.36 5.37
C TYR B 74 -8.17 37.01 6.13
N ALA B 75 -7.84 38.03 6.92
CA ALA B 75 -8.86 38.72 7.73
C ALA B 75 -10.01 39.31 6.91
N ASN B 76 -9.69 39.97 5.82
CA ASN B 76 -10.67 40.60 4.95
C ASN B 76 -11.48 39.62 4.13
N HIS B 77 -10.88 38.48 3.82
CA HIS B 77 -11.53 37.55 2.88
C HIS B 77 -12.09 36.28 3.48
N HIS B 78 -11.37 35.62 4.41
CA HIS B 78 -11.79 34.27 4.86
C HIS B 78 -11.96 34.00 6.36
N LEU B 80 -13.66 35.43 8.80
CA LEU B 80 -15.04 35.42 9.30
C LEU B 80 -15.79 34.17 8.87
N ALA B 81 -15.60 33.76 7.62
CA ALA B 81 -16.22 32.53 7.16
C ALA B 81 -15.69 31.35 7.95
N ASP B 82 -14.37 31.32 8.17
CA ASP B 82 -13.76 30.19 8.89
C ASP B 82 -14.32 30.13 10.32
N ALA B 84 -17.24 31.18 11.32
CA ALA B 84 -18.64 30.78 11.24
C ALA B 84 -18.71 29.26 11.09
N TYR B 85 -17.88 28.74 10.20
CA TYR B 85 -17.80 27.29 9.95
C TYR B 85 -17.47 26.47 11.20
N LEU B 86 -16.56 26.97 12.03
CA LEU B 86 -16.14 26.28 13.23
C LEU B 86 -17.13 26.33 14.41
N LYS B 87 -18.02 27.33 14.37
CA LYS B 87 -18.89 27.58 15.53
C LYS B 87 -19.79 26.39 15.90
N GLY B 88 -20.24 25.61 14.92
CA GLY B 88 -21.11 24.45 15.17
C GLY B 88 -20.42 23.09 15.16
N LEU B 89 -19.10 23.08 15.27
CA LEU B 89 -18.32 21.84 15.22
C LEU B 89 -17.63 21.64 16.53
N THR B 90 -17.48 20.39 16.93
CA THR B 90 -16.64 20.11 18.07
C THR B 90 -15.37 19.54 17.43
N ILE B 91 -14.24 20.13 17.78
CA ILE B 91 -12.96 19.72 17.26
C ILE B 91 -12.24 18.92 18.34
N THR B 92 -11.98 17.66 18.09
CA THR B 92 -11.28 16.84 19.07
C THR B 92 -9.89 16.49 18.62
N PRO B 93 -8.88 16.98 19.33
CA PRO B 93 -7.51 16.68 18.90
C PRO B 93 -7.24 15.23 19.01
N LYS B 94 -6.62 14.64 17.96
CA LYS B 94 -6.25 13.24 17.93
C LYS B 94 -4.75 13.04 18.08
N GLU B 95 -3.98 13.93 17.49
CA GLU B 95 -2.55 13.98 17.65
C GLU B 95 -2.03 15.35 17.31
N HIS B 96 -0.86 15.67 17.88
CA HIS B 96 -0.20 16.96 17.71
C HIS B 96 1.27 16.86 18.03
N GLN B 97 2.10 17.17 17.04
CA GLN B 97 3.55 17.15 17.18
C GLN B 97 4.12 18.49 16.82
N ILE B 98 4.95 19.03 17.70
CA ILE B 98 5.75 20.23 17.39
C ILE B 98 7.26 19.95 17.51
N THR B 99 8.03 20.29 16.48
N THR B 99 8.02 20.31 16.48
CA THR B 99 9.49 20.09 16.51
CA THR B 99 9.47 20.16 16.51
C THR B 99 10.14 21.44 16.24
C THR B 99 10.06 21.52 16.30
N ILE B 100 11.06 21.85 17.12
CA ILE B 100 11.72 23.14 17.06
C ILE B 100 13.18 22.96 16.64
N THR B 101 13.58 23.73 15.64
CA THR B 101 14.94 23.76 15.15
C THR B 101 15.37 25.22 15.11
N GLY B 102 15.89 25.70 16.21
CA GLY B 102 16.32 27.10 16.35
C GLY B 102 15.14 28.07 16.28
N ASP B 103 15.15 28.94 15.28
CA ASP B 103 14.11 29.95 15.11
C ASP B 103 12.85 29.50 14.33
N ILE B 104 12.79 28.23 13.99
N ILE B 104 12.79 28.22 14.03
CA ILE B 104 11.65 27.68 13.26
CA ILE B 104 11.70 27.63 13.26
C ILE B 104 11.07 26.46 13.97
C ILE B 104 11.06 26.52 14.09
N ALA B 105 9.74 26.42 14.02
CA ALA B 105 9.00 25.31 14.61
C ALA B 105 7.95 24.85 13.59
N ILE B 106 7.75 23.55 13.55
CA ILE B 106 6.76 22.91 12.70
C ILE B 106 5.80 22.22 13.64
N SER B 107 4.51 22.52 13.44
CA SER B 107 3.39 21.93 14.15
C SER B 107 2.57 21.16 13.14
N THR B 108 2.36 19.89 13.44
CA THR B 108 1.53 19.04 12.61
C THR B 108 0.50 18.42 13.51
N SER B 109 -0.76 18.66 13.22
CA SER B 109 -1.83 18.01 14.00
C SER B 109 -3.01 17.47 13.19
N ILE B 110 -3.69 16.49 13.78
CA ILE B 110 -4.89 15.89 13.22
C ILE B 110 -5.95 15.98 14.28
N SER B 111 -7.15 16.43 13.86
CA SER B 111 -8.30 16.62 14.75
C SER B 111 -9.56 16.07 14.13
N HIS B 112 -10.47 15.60 14.97
CA HIS B 112 -11.73 15.08 14.48
C HIS B 112 -12.77 16.18 14.58
N ALA B 113 -13.31 16.57 13.43
CA ALA B 113 -14.33 17.62 13.39
C ALA B 113 -15.65 16.93 13.25
N GLN B 114 -16.56 17.17 14.20
CA GLN B 114 -17.91 16.65 14.15
C GLN B 114 -18.93 17.75 14.38
N GLY B 115 -19.96 17.78 13.53
CA GLY B 115 -21.08 18.71 13.70
C GLY B 115 -21.82 18.91 12.41
N GLU B 116 -22.19 20.14 12.14
CA GLU B 116 -22.90 20.51 10.91
C GLU B 116 -22.56 21.93 10.54
N TYR B 117 -22.64 22.27 9.26
CA TYR B 117 -22.50 23.66 8.83
C TYR B 117 -23.49 23.93 7.70
N LYS B 118 -24.33 24.94 7.88
CA LYS B 118 -25.36 25.26 6.92
C LYS B 118 -26.20 24.01 6.55
N GLY B 119 -26.57 23.23 7.57
CA GLY B 119 -27.41 22.03 7.42
C GLY B 119 -26.77 20.74 6.95
N LYS B 120 -25.47 20.78 6.65
CA LYS B 120 -24.75 19.62 6.16
C LYS B 120 -23.90 19.09 7.28
N SER B 121 -23.94 17.79 7.49
N SER B 121 -23.94 17.77 7.47
CA SER B 121 -23.19 17.16 8.58
CA SER B 121 -23.19 17.13 8.54
C SER B 121 -21.73 17.10 8.20
C SER B 121 -21.71 17.09 8.19
N ILE B 122 -20.88 17.22 9.23
CA ILE B 122 -19.44 17.17 9.08
C ILE B 122 -18.99 16.12 10.07
N ASP B 123 -18.24 15.15 9.60
CA ASP B 123 -17.72 14.14 10.49
C ASP B 123 -16.47 13.67 9.80
N SER B 124 -15.34 14.33 10.07
CA SER B 124 -14.12 14.03 9.32
C SER B 124 -12.82 14.41 10.03
N THR B 126 -9.45 16.29 10.20
CA THR B 126 -8.90 17.52 9.65
C THR B 126 -7.42 17.47 9.95
N GLU B 128 -3.57 19.77 9.78
CA GLU B 128 -2.98 21.10 9.79
C GLU B 128 -1.47 21.03 9.95
N THR B 129 -0.76 21.66 9.03
CA THR B 129 0.65 21.86 9.14
C THR B 129 0.80 23.40 9.29
N LEU B 130 1.48 23.80 10.37
CA LEU B 130 1.85 25.18 10.64
C LEU B 130 3.34 25.32 10.70
N VAL B 131 3.86 26.40 10.12
CA VAL B 131 5.22 26.83 10.29
C VAL B 131 5.17 28.06 11.17
N LEU B 132 6.01 28.07 12.19
CA LEU B 132 6.13 29.19 13.09
C LEU B 132 7.60 29.63 13.10
N ILE B 133 7.79 30.95 13.10
N ILE B 133 7.76 30.95 13.20
CA ILE B 133 9.09 31.57 13.19
CA ILE B 133 9.05 31.62 13.15
C ILE B 133 9.13 32.50 14.38
C ILE B 133 9.16 32.58 14.33
N LYS B 134 10.25 32.43 15.08
CA LYS B 134 10.56 33.29 16.19
C LYS B 134 10.88 34.67 15.63
N GLN B 135 10.04 35.64 15.97
CA GLN B 135 10.17 37.02 15.54
C GLN B 135 11.32 37.71 16.26
N ALA B 136 11.69 38.89 15.80
CA ALA B 136 12.87 39.65 16.33
C ALA B 136 12.87 39.76 17.83
N ASP B 137 11.66 39.88 18.43
CA ASP B 137 11.49 40.02 19.90
C ASP B 137 11.27 38.71 20.67
N GLY B 138 11.40 37.59 19.97
CA GLY B 138 11.25 36.25 20.55
C GLY B 138 9.87 35.63 20.42
N ARG B 139 8.86 36.43 20.10
CA ARG B 139 7.52 35.89 20.01
C ARG B 139 7.39 34.95 18.79
N TRP B 140 6.81 33.77 19.01
CA TRP B 140 6.59 32.88 17.92
C TRP B 140 5.33 33.32 17.19
N LYS B 141 5.41 33.38 15.87
CA LYS B 141 4.25 33.70 15.03
C LYS B 141 4.18 32.73 13.84
N ILE B 142 2.96 32.38 13.47
CA ILE B 142 2.64 31.44 12.39
C ILE B 142 2.85 32.12 11.06
N THR B 143 3.66 31.52 10.16
CA THR B 143 3.99 32.11 8.86
C THR B 143 3.47 31.34 7.68
N HIS B 144 3.09 30.08 7.90
CA HIS B 144 2.46 29.27 6.89
C HIS B 144 1.44 28.35 7.58
N VAL B 145 0.31 28.18 6.93
CA VAL B 145 -0.79 27.35 7.38
C VAL B 145 -1.21 26.47 6.17
N HIS B 146 -1.36 25.18 6.40
CA HIS B 146 -1.84 24.25 5.36
C HIS B 146 -2.93 23.44 6.06
N TRP B 147 -4.15 23.65 5.61
CA TRP B 147 -5.33 23.00 6.14
C TRP B 147 -5.91 22.05 5.12
N SER B 148 -6.36 20.90 5.60
CA SER B 148 -7.07 19.94 4.75
C SER B 148 -7.99 19.05 5.58
N ALA C 24 -31.24 -11.46 -7.21
CA ALA C 24 -30.40 -10.23 -7.00
C ALA C 24 -29.15 -10.59 -6.22
N PHE C 25 -29.30 -11.42 -5.18
CA PHE C 25 -28.17 -12.13 -4.55
C PHE C 25 -28.38 -13.63 -4.74
N ILE C 26 -27.68 -14.22 -5.71
CA ILE C 26 -27.85 -15.61 -6.07
C ILE C 26 -26.48 -16.29 -6.18
N GLY C 27 -26.35 -17.47 -5.55
CA GLY C 27 -25.10 -18.28 -5.60
C GLY C 27 -23.92 -17.76 -4.85
N VAL C 28 -24.14 -16.74 -4.04
CA VAL C 28 -23.05 -16.07 -3.30
C VAL C 28 -22.38 -17.00 -2.29
N ASP C 29 -23.14 -17.95 -1.80
CA ASP C 29 -22.68 -18.92 -0.80
C ASP C 29 -22.14 -20.21 -1.43
N SER C 30 -21.93 -20.22 -2.74
CA SER C 30 -21.31 -21.36 -3.35
C SER C 30 -19.83 -21.43 -2.95
N ALA C 31 -19.19 -22.53 -3.30
CA ALA C 31 -17.76 -22.71 -3.08
C ALA C 31 -16.97 -21.68 -3.89
N ALA C 32 -17.39 -21.44 -5.13
CA ALA C 32 -16.85 -20.30 -5.93
C ALA C 32 -17.05 -18.94 -5.23
N GLY C 33 -18.21 -18.75 -4.61
CA GLY C 33 -18.47 -17.54 -3.85
C GLY C 33 -17.57 -17.32 -2.68
N ASN C 34 -17.05 -18.39 -2.10
CA ASN C 34 -16.06 -18.25 -1.02
C ASN C 34 -14.82 -17.43 -1.51
N VAL C 35 -14.31 -17.79 -2.68
CA VAL C 35 -13.15 -17.16 -3.28
C VAL C 35 -13.43 -15.72 -3.66
N VAL C 36 -14.61 -15.44 -4.23
CA VAL C 36 -15.03 -14.09 -4.57
C VAL C 36 -15.06 -13.24 -3.30
N LYS C 37 -15.72 -13.74 -2.23
CA LYS C 37 -15.74 -13.00 -0.97
C LYS C 37 -14.35 -12.77 -0.39
N GLN C 38 -13.51 -13.79 -0.41
CA GLN C 38 -12.13 -13.63 0.08
C GLN C 38 -11.37 -12.60 -0.73
N PHE C 39 -11.52 -12.67 -2.06
CA PHE C 39 -10.91 -11.74 -3.01
C PHE C 39 -11.36 -10.30 -2.70
N HIS C 40 -12.66 -10.06 -2.66
CA HIS C 40 -13.15 -8.71 -2.32
C HIS C 40 -12.59 -8.19 -0.99
N ALA C 41 -12.66 -9.00 0.03
CA ALA C 41 -12.21 -8.60 1.37
C ALA C 41 -10.69 -8.36 1.37
N ALA C 42 -9.96 -9.21 0.68
CA ALA C 42 -8.52 -9.09 0.65
C ALA C 42 -8.07 -7.78 0.01
N LEU C 43 -8.76 -7.37 -1.04
CA LEU C 43 -8.39 -6.14 -1.74
C LEU C 43 -8.76 -4.92 -0.90
N GLN C 44 -9.91 -5.02 -0.25
CA GLN C 44 -10.41 -3.95 0.61
C GLN C 44 -9.60 -3.80 1.88
N GLY C 46 -6.25 -5.02 2.21
CA GLY C 46 -4.81 -5.02 1.93
C GLY C 46 -4.07 -6.32 2.26
N ASN C 47 -4.69 -7.47 1.95
CA ASN C 47 -4.08 -8.79 2.21
C ASN C 47 -3.58 -9.37 0.89
N GLU C 48 -2.30 -9.13 0.62
CA GLU C 48 -1.70 -9.54 -0.65
C GLU C 48 -1.79 -11.05 -0.87
N ALA C 49 -1.56 -11.81 0.19
CA ALA C 49 -1.53 -13.25 0.09
C ALA C 49 -2.86 -13.86 -0.40
N ILE C 50 -3.96 -13.38 0.16
N ILE C 50 -3.96 -13.35 0.13
CA ILE C 50 -5.27 -13.92 -0.20
CA ILE C 50 -5.26 -13.93 -0.18
C ILE C 50 -5.62 -13.49 -1.62
C ILE C 50 -5.69 -13.46 -1.57
N VAL C 51 -5.26 -12.27 -1.98
CA VAL C 51 -5.49 -11.83 -3.36
C VAL C 51 -4.72 -12.79 -4.29
N ARG C 52 -3.46 -13.09 -3.97
CA ARG C 52 -2.71 -14.05 -4.83
C ARG C 52 -3.33 -15.44 -4.85
N GLN C 53 -3.81 -15.91 -3.70
CA GLN C 53 -4.49 -17.20 -3.63
C GLN C 53 -5.75 -17.22 -4.51
N SER C 54 -6.43 -16.09 -4.62
CA SER C 54 -7.76 -16.06 -5.30
C SER C 54 -7.62 -16.05 -6.85
N LEU C 55 -6.51 -15.51 -7.33
CA LEU C 55 -6.24 -15.32 -8.77
C LEU C 55 -5.38 -16.42 -9.36
N ALA C 56 -5.70 -16.79 -10.60
CA ALA C 56 -4.87 -17.69 -11.39
C ALA C 56 -3.55 -16.99 -11.75
N ALA C 57 -2.46 -17.76 -11.92
CA ALA C 57 -1.17 -17.22 -12.29
C ALA C 57 -1.29 -16.42 -13.56
N ASN C 58 -2.11 -16.91 -14.48
CA ASN C 58 -2.32 -16.22 -15.75
C ASN C 58 -3.62 -15.40 -15.84
N VAL C 59 -4.13 -14.93 -14.71
CA VAL C 59 -5.34 -14.12 -14.72
C VAL C 59 -5.18 -12.95 -15.68
N GLN C 60 -6.26 -12.61 -16.41
CA GLN C 60 -6.36 -11.44 -17.21
C GLN C 60 -7.18 -10.39 -16.46
N ILE C 61 -6.70 -9.15 -16.38
N ILE C 61 -6.67 -9.16 -16.33
CA ILE C 61 -7.48 -8.09 -15.73
CA ILE C 61 -7.38 -8.06 -15.68
C ILE C 61 -7.73 -6.94 -16.69
C ILE C 61 -7.73 -6.95 -16.70
N TYR C 62 -9.01 -6.63 -16.84
CA TYR C 62 -9.52 -5.54 -17.68
C TYR C 62 -9.98 -4.39 -16.80
N GLU C 63 -9.34 -3.21 -16.95
CA GLU C 63 -9.79 -1.99 -16.28
C GLU C 63 -9.33 -0.73 -17.04
N GLY C 64 -10.20 0.24 -17.22
CA GLY C 64 -9.80 1.55 -17.76
C GLY C 64 -9.08 1.52 -19.08
N GLY C 65 -9.51 0.64 -19.97
CA GLY C 65 -8.93 0.58 -21.28
C GLY C 65 -7.61 -0.17 -21.29
N LYS C 66 -7.21 -0.75 -20.15
CA LYS C 66 -5.94 -1.46 -20.01
C LYS C 66 -6.11 -2.93 -19.63
N VAL C 67 -5.29 -3.82 -20.21
CA VAL C 67 -5.21 -5.25 -19.84
C VAL C 67 -3.87 -5.68 -19.18
N GLU C 68 -3.98 -6.42 -18.08
CA GLU C 68 -2.83 -7.08 -17.46
C GLU C 68 -3.08 -8.55 -17.62
N ARG C 69 -2.00 -9.30 -17.90
CA ARG C 69 -2.09 -10.70 -18.33
C ARG C 69 -1.57 -11.77 -17.39
N SER C 70 -1.14 -11.40 -16.20
CA SER C 70 -0.73 -12.39 -15.20
C SER C 70 -0.85 -11.81 -13.80
N LEU C 71 -0.87 -12.71 -12.81
CA LEU C 71 -0.87 -12.36 -11.41
C LEU C 71 0.37 -11.50 -11.09
N THR C 72 1.56 -11.88 -11.55
CA THR C 72 2.77 -11.05 -11.24
C THR C 72 2.62 -9.61 -11.76
N GLU C 73 2.17 -9.48 -13.00
CA GLU C 73 2.00 -8.15 -13.58
C GLU C 73 1.06 -7.30 -12.73
N TYR C 74 -0.15 -7.81 -12.50
CA TYR C 74 -1.14 -7.17 -11.63
C TYR C 74 -0.55 -6.79 -10.26
N ALA C 75 0.06 -7.79 -9.61
CA ALA C 75 0.51 -7.67 -8.21
C ALA C 75 1.54 -6.56 -7.94
N ASN C 76 2.45 -6.28 -8.87
CA ASN C 76 3.53 -5.34 -8.59
C ASN C 76 3.21 -3.88 -8.56
N HIS C 77 2.18 -3.51 -9.24
CA HIS C 77 1.80 -2.11 -9.22
C HIS C 77 0.31 -1.91 -9.03
N HIS C 78 -0.48 -2.41 -9.99
CA HIS C 78 -1.91 -2.15 -10.00
C HIS C 78 -2.61 -2.60 -8.71
N LEU C 80 -1.61 -2.78 -5.71
CA LEU C 80 -1.35 -1.84 -4.63
C LEU C 80 -2.08 -0.54 -4.75
N ALA C 81 -2.12 0.02 -5.93
CA ALA C 81 -2.94 1.20 -6.15
C ALA C 81 -4.41 0.92 -5.83
N ASP C 82 -4.91 -0.27 -6.24
CA ASP C 82 -6.27 -0.66 -5.98
C ASP C 82 -6.55 -0.69 -4.48
N ALA C 84 -4.92 0.89 -2.14
CA ALA C 84 -4.87 2.24 -1.57
C ALA C 84 -6.16 2.95 -1.89
N TYR C 85 -6.63 2.78 -3.11
CA TYR C 85 -7.86 3.40 -3.54
C TYR C 85 -9.05 2.95 -2.69
N LEU C 86 -9.13 1.64 -2.42
CA LEU C 86 -10.24 1.09 -1.67
C LEU C 86 -10.16 1.36 -0.14
N LYS C 87 -8.97 1.70 0.37
CA LYS C 87 -8.76 1.73 1.83
C LYS C 87 -9.83 2.56 2.54
N GLY C 88 -10.04 3.78 2.06
CA GLY C 88 -11.07 4.68 2.60
C GLY C 88 -12.32 4.88 1.73
N LEU C 89 -12.89 3.76 1.27
CA LEU C 89 -14.16 3.73 0.57
C LEU C 89 -15.05 2.74 1.30
N THR C 90 -16.35 2.98 1.26
CA THR C 90 -17.27 1.99 1.74
C THR C 90 -17.79 1.36 0.45
N ILE C 91 -17.75 0.04 0.37
CA ILE C 91 -18.23 -0.64 -0.83
C ILE C 91 -19.46 -1.43 -0.42
N THR C 92 -20.65 -1.00 -0.87
CA THR C 92 -21.87 -1.68 -0.50
C THR C 92 -22.47 -2.54 -1.65
N PRO C 93 -22.47 -3.89 -1.50
CA PRO C 93 -23.07 -4.74 -2.51
C PRO C 93 -24.51 -4.40 -2.78
N LYS C 94 -24.83 -4.27 -4.03
CA LYS C 94 -26.18 -3.99 -4.42
C LYS C 94 -26.79 -5.22 -5.06
N GLU C 95 -26.01 -5.93 -5.87
CA GLU C 95 -26.45 -7.19 -6.41
C GLU C 95 -25.27 -8.04 -6.73
N HIS C 96 -25.51 -9.33 -6.71
CA HIS C 96 -24.42 -10.29 -6.94
C HIS C 96 -24.99 -11.64 -7.32
N GLN C 97 -24.66 -12.09 -8.51
CA GLN C 97 -25.05 -13.44 -8.97
C GLN C 97 -23.80 -14.25 -9.36
N ILE C 98 -23.70 -15.49 -8.91
CA ILE C 98 -22.68 -16.41 -9.35
C ILE C 98 -23.44 -17.63 -9.93
N THR C 99 -23.09 -17.95 -11.16
CA THR C 99 -23.70 -19.05 -11.94
C THR C 99 -22.61 -20.04 -12.27
N ILE C 100 -22.84 -21.31 -11.96
CA ILE C 100 -21.82 -22.35 -12.16
C ILE C 100 -22.26 -23.26 -13.30
N THR C 101 -21.40 -23.38 -14.30
CA THR C 101 -21.64 -24.24 -15.46
C THR C 101 -20.44 -25.16 -15.54
N GLY C 102 -20.58 -26.37 -15.03
CA GLY C 102 -19.47 -27.31 -14.90
C GLY C 102 -18.39 -26.79 -13.99
N ASP C 103 -17.17 -26.70 -14.51
CA ASP C 103 -16.03 -26.21 -13.72
C ASP C 103 -15.76 -24.73 -13.98
N ILE C 104 -16.76 -24.02 -14.48
CA ILE C 104 -16.66 -22.58 -14.76
C ILE C 104 -17.73 -21.84 -13.98
N ALA C 105 -17.28 -20.80 -13.29
CA ALA C 105 -18.19 -19.97 -12.56
C ALA C 105 -18.16 -18.54 -13.14
N ILE C 106 -19.33 -17.94 -13.31
CA ILE C 106 -19.41 -16.54 -13.67
C ILE C 106 -20.03 -15.73 -12.52
N SER C 107 -19.27 -14.76 -12.02
CA SER C 107 -19.73 -13.86 -10.96
C SER C 107 -19.94 -12.46 -11.53
N THR C 108 -21.15 -11.92 -11.39
CA THR C 108 -21.47 -10.55 -11.86
C THR C 108 -22.04 -9.79 -10.66
N SER C 109 -21.42 -8.63 -10.35
CA SER C 109 -21.84 -7.84 -9.20
C SER C 109 -21.75 -6.33 -9.45
N ILE C 110 -22.64 -5.64 -8.75
CA ILE C 110 -22.72 -4.20 -8.73
C ILE C 110 -22.69 -3.77 -7.27
N SER C 111 -21.80 -2.83 -6.99
CA SER C 111 -21.67 -2.27 -5.65
C SER C 111 -21.65 -0.76 -5.66
N HIS C 112 -22.05 -0.18 -4.54
CA HIS C 112 -22.04 1.27 -4.40
C HIS C 112 -20.77 1.69 -3.64
N ALA C 113 -19.92 2.47 -4.30
CA ALA C 113 -18.69 2.94 -3.71
C ALA C 113 -18.89 4.39 -3.27
N GLN C 114 -18.55 4.66 -2.02
CA GLN C 114 -18.70 5.96 -1.42
C GLN C 114 -17.47 6.30 -0.62
N GLY C 115 -16.93 7.48 -0.82
CA GLY C 115 -15.80 7.92 -0.05
C GLY C 115 -15.04 9.00 -0.77
N GLU C 116 -13.73 8.99 -0.60
CA GLU C 116 -12.92 9.96 -1.28
C GLU C 116 -11.56 9.35 -1.53
N TYR C 117 -10.89 9.84 -2.58
CA TYR C 117 -9.53 9.43 -2.89
C TYR C 117 -8.86 10.60 -3.60
N LYS C 118 -7.67 10.94 -3.13
CA LYS C 118 -6.87 12.03 -3.67
C LYS C 118 -7.68 13.33 -3.80
N GLY C 119 -8.43 13.67 -2.75
CA GLY C 119 -9.20 14.91 -2.69
C GLY C 119 -10.40 15.01 -3.62
N LYS C 120 -10.81 13.89 -4.17
CA LYS C 120 -11.95 13.80 -5.06
C LYS C 120 -13.00 12.93 -4.41
N SER C 121 -14.23 13.41 -4.32
CA SER C 121 -15.31 12.63 -3.73
C SER C 121 -15.73 11.53 -4.66
N ILE C 122 -16.06 10.38 -4.10
CA ILE C 122 -16.47 9.23 -4.88
C ILE C 122 -17.86 8.81 -4.44
N ASP C 123 -18.73 8.63 -5.42
CA ASP C 123 -20.10 8.19 -5.18
C ASP C 123 -20.57 7.59 -6.50
N SER C 124 -20.42 6.28 -6.64
CA SER C 124 -20.75 5.69 -7.92
C SER C 124 -21.04 4.22 -7.82
N THR C 126 -20.10 0.75 -8.99
CA THR C 126 -18.99 0.00 -9.61
C THR C 126 -19.50 -1.39 -10.07
N GLU C 128 -18.52 -5.45 -11.70
CA GLU C 128 -17.49 -6.49 -11.75
C GLU C 128 -18.03 -7.76 -12.37
N THR C 129 -17.27 -8.24 -13.37
CA THR C 129 -17.50 -9.58 -13.95
C THR C 129 -16.25 -10.40 -13.70
N LEU C 130 -16.43 -11.53 -13.04
CA LEU C 130 -15.34 -12.47 -12.86
C LEU C 130 -15.66 -13.82 -13.48
N VAL C 131 -14.60 -14.44 -14.06
CA VAL C 131 -14.61 -15.84 -14.47
C VAL C 131 -13.73 -16.62 -13.52
N LEU C 132 -14.28 -17.70 -12.99
CA LEU C 132 -13.52 -18.61 -12.10
C LEU C 132 -13.53 -20.00 -12.70
N ILE C 133 -12.42 -20.71 -12.53
CA ILE C 133 -12.28 -22.07 -13.03
C ILE C 133 -11.91 -22.97 -11.85
N LYS C 134 -12.54 -24.14 -11.80
CA LYS C 134 -12.35 -25.07 -10.68
C LYS C 134 -11.21 -25.97 -11.02
N GLN C 135 -10.20 -25.97 -10.13
N GLN C 135 -10.25 -26.04 -10.12
CA GLN C 135 -9.00 -26.80 -10.27
CA GLN C 135 -9.04 -26.81 -10.34
C GLN C 135 -9.33 -28.24 -9.90
C GLN C 135 -9.28 -28.23 -9.84
N ALA C 136 -8.48 -29.17 -10.30
CA ALA C 136 -8.66 -30.58 -9.93
C ALA C 136 -8.67 -30.79 -8.42
N ASP C 137 -7.84 -30.00 -7.73
CA ASP C 137 -7.75 -30.06 -6.27
C ASP C 137 -8.94 -29.40 -5.57
N GLY C 138 -9.91 -28.92 -6.34
CA GLY C 138 -11.15 -28.40 -5.81
C GLY C 138 -11.12 -26.92 -5.50
N ARG C 139 -9.97 -26.26 -5.70
CA ARG C 139 -9.85 -24.81 -5.55
C ARG C 139 -10.39 -24.04 -6.75
N TRP C 140 -11.17 -23.01 -6.46
CA TRP C 140 -11.63 -22.09 -7.49
C TRP C 140 -10.64 -20.94 -7.63
N LYS C 141 -10.27 -20.60 -8.88
CA LYS C 141 -9.34 -19.52 -9.18
C LYS C 141 -9.95 -18.59 -10.19
N ILE C 142 -9.72 -17.30 -9.98
CA ILE C 142 -10.20 -16.27 -10.88
C ILE C 142 -9.24 -16.16 -12.04
N THR C 143 -9.81 -16.24 -13.25
CA THR C 143 -9.03 -16.22 -14.50
C THR C 143 -9.23 -14.97 -15.35
N HIS C 144 -10.32 -14.25 -15.12
CA HIS C 144 -10.66 -13.01 -15.83
C HIS C 144 -11.44 -12.08 -14.89
N VAL C 145 -11.03 -10.81 -14.87
CA VAL C 145 -11.59 -9.74 -14.07
C VAL C 145 -11.86 -8.60 -15.01
N HIS C 146 -13.10 -8.11 -14.98
CA HIS C 146 -13.50 -6.93 -15.76
C HIS C 146 -14.11 -6.01 -14.70
N TRP C 147 -13.46 -4.88 -14.52
CA TRP C 147 -13.89 -3.83 -13.62
C TRP C 147 -14.26 -2.53 -14.34
N SER C 148 -15.36 -1.93 -13.88
CA SER C 148 -15.78 -0.62 -14.38
C SER C 148 -16.60 0.14 -13.33
N ALA D 24 -9.49 -20.56 -40.78
CA ALA D 24 -10.15 -20.17 -39.51
C ALA D 24 -9.16 -20.22 -38.36
N PHE D 25 -9.31 -19.31 -37.41
CA PHE D 25 -8.48 -19.25 -36.18
C PHE D 25 -9.22 -19.84 -34.99
N ILE D 26 -8.50 -20.53 -34.12
CA ILE D 26 -9.11 -21.08 -32.92
C ILE D 26 -9.90 -20.03 -32.10
N GLY D 27 -11.12 -20.43 -31.74
CA GLY D 27 -11.95 -19.69 -30.83
C GLY D 27 -12.65 -18.52 -31.47
N VAL D 28 -11.86 -17.55 -31.97
CA VAL D 28 -12.45 -16.34 -32.55
C VAL D 28 -13.29 -16.69 -33.81
N ASP D 29 -13.03 -17.85 -34.43
N ASP D 29 -12.95 -17.80 -34.44
CA ASP D 29 -13.77 -18.27 -35.63
CA ASP D 29 -13.68 -18.34 -35.57
C ASP D 29 -14.64 -19.53 -35.46
C ASP D 29 -14.21 -19.72 -35.14
N SER D 30 -15.17 -19.71 -34.25
CA SER D 30 -15.97 -20.87 -33.89
C SER D 30 -17.44 -20.48 -34.04
N ALA D 31 -18.37 -21.40 -33.84
CA ALA D 31 -19.77 -21.06 -33.84
C ALA D 31 -20.00 -19.94 -32.76
N ALA D 32 -19.42 -20.08 -31.55
CA ALA D 32 -19.56 -18.98 -30.53
C ALA D 32 -18.93 -17.67 -31.01
N GLY D 33 -17.74 -17.80 -31.60
CA GLY D 33 -17.05 -16.63 -32.11
C GLY D 33 -17.88 -15.93 -33.17
N ASN D 34 -18.58 -16.71 -33.97
CA ASN D 34 -19.44 -16.11 -35.05
C ASN D 34 -20.61 -15.28 -34.51
N VAL D 35 -21.20 -15.71 -33.41
CA VAL D 35 -22.27 -14.93 -32.76
C VAL D 35 -21.71 -13.59 -32.27
N VAL D 36 -20.52 -13.58 -31.67
CA VAL D 36 -19.89 -12.35 -31.25
C VAL D 36 -19.69 -11.44 -32.46
N LYS D 37 -19.13 -11.95 -33.54
CA LYS D 37 -18.95 -11.13 -34.71
C LYS D 37 -20.22 -10.56 -35.27
N GLN D 38 -21.25 -11.39 -35.36
CA GLN D 38 -22.55 -10.97 -35.84
C GLN D 38 -23.16 -9.91 -34.96
N PHE D 39 -23.02 -10.07 -33.66
CA PHE D 39 -23.54 -9.12 -32.67
C PHE D 39 -22.89 -7.73 -32.87
N HIS D 40 -21.57 -7.73 -32.98
CA HIS D 40 -20.87 -6.51 -33.15
C HIS D 40 -21.28 -5.85 -34.45
N ALA D 41 -21.31 -6.62 -35.53
CA ALA D 41 -21.67 -6.05 -36.83
C ALA D 41 -23.10 -5.49 -36.85
N ALA D 42 -24.03 -6.21 -36.23
CA ALA D 42 -25.43 -5.84 -36.19
C ALA D 42 -25.63 -4.54 -35.42
N LEU D 43 -24.90 -4.37 -34.32
CA LEU D 43 -24.95 -3.10 -33.58
C LEU D 43 -24.40 -1.93 -34.40
N GLN D 44 -23.27 -2.17 -35.05
CA GLN D 44 -22.62 -1.17 -35.87
C GLN D 44 -23.42 -0.77 -37.13
N GLY D 46 -26.91 -1.33 -37.44
CA GLY D 46 -28.31 -1.11 -37.10
C GLY D 46 -29.30 -2.20 -37.51
N ASN D 47 -28.89 -3.45 -37.32
CA ASN D 47 -29.73 -4.60 -37.60
C ASN D 47 -30.25 -5.20 -36.30
N GLU D 48 -31.44 -4.79 -35.90
CA GLU D 48 -31.98 -5.21 -34.63
C GLU D 48 -32.42 -6.68 -34.65
N ALA D 49 -32.77 -7.23 -35.82
CA ALA D 49 -33.11 -8.65 -35.98
C ALA D 49 -31.92 -9.54 -35.56
N ILE D 50 -30.74 -9.20 -36.05
CA ILE D 50 -29.55 -10.00 -35.76
C ILE D 50 -29.06 -9.73 -34.31
N VAL D 51 -29.28 -8.53 -33.80
CA VAL D 51 -29.01 -8.32 -32.36
C VAL D 51 -29.89 -9.23 -31.51
N ARG D 52 -31.19 -9.27 -31.80
N ARG D 52 -31.19 -9.26 -31.81
CA ARG D 52 -32.14 -10.11 -31.04
CA ARG D 52 -32.13 -10.09 -31.09
C ARG D 52 -31.91 -11.62 -31.19
C ARG D 52 -31.71 -11.55 -31.11
N GLN D 53 -31.30 -12.04 -32.29
CA GLN D 53 -30.91 -13.41 -32.48
C GLN D 53 -29.67 -13.80 -31.68
N SER D 54 -28.82 -12.83 -31.41
CA SER D 54 -27.51 -13.06 -30.75
C SER D 54 -27.64 -13.08 -29.23
N LEU D 55 -28.68 -12.47 -28.71
CA LEU D 55 -28.90 -12.34 -27.26
C LEU D 55 -29.99 -13.26 -26.68
N ALA D 56 -29.72 -13.84 -25.53
CA ALA D 56 -30.67 -14.66 -24.79
C ALA D 56 -31.83 -13.76 -24.40
N ALA D 57 -33.02 -14.32 -24.39
CA ALA D 57 -34.20 -13.57 -23.91
C ALA D 57 -33.92 -12.96 -22.53
N ASN D 58 -33.13 -13.64 -21.69
CA ASN D 58 -32.86 -13.09 -20.33
C ASN D 58 -31.43 -12.53 -20.15
N VAL D 59 -30.87 -12.05 -21.24
CA VAL D 59 -29.57 -11.45 -21.25
C VAL D 59 -29.49 -10.36 -20.13
N GLN D 60 -28.32 -10.35 -19.50
CA GLN D 60 -27.92 -9.32 -18.55
C GLN D 60 -26.87 -8.38 -19.18
N ILE D 61 -27.13 -7.08 -19.09
CA ILE D 61 -26.28 -6.06 -19.70
C ILE D 61 -25.75 -5.12 -18.62
N TYR D 62 -24.42 -5.07 -18.47
CA TYR D 62 -23.75 -4.15 -17.60
C TYR D 62 -23.05 -3.03 -18.39
N GLU D 63 -23.38 -1.78 -18.08
CA GLU D 63 -22.67 -0.65 -18.66
C GLU D 63 -22.98 0.62 -17.88
N GLY D 64 -21.95 1.39 -17.60
CA GLY D 64 -22.14 2.69 -16.97
C GLY D 64 -22.81 2.72 -15.63
N GLY D 65 -22.58 1.66 -14.84
CA GLY D 65 -23.19 1.52 -13.55
C GLY D 65 -24.63 1.03 -13.54
N LYS D 66 -25.20 0.72 -14.70
CA LYS D 66 -26.60 0.34 -14.78
C LYS D 66 -26.70 -1.05 -15.34
N VAL D 67 -27.78 -1.73 -15.00
CA VAL D 67 -28.00 -3.07 -15.49
C VAL D 67 -29.38 -3.19 -16.12
N GLU D 68 -29.41 -3.86 -17.28
CA GLU D 68 -30.63 -4.34 -17.88
C GLU D 68 -30.67 -5.86 -17.74
N ARG D 69 -31.87 -6.37 -17.51
CA ARG D 69 -32.08 -7.77 -17.13
C ARG D 69 -32.77 -8.65 -18.14
N SER D 70 -33.06 -8.13 -19.33
CA SER D 70 -33.72 -8.94 -20.36
C SER D 70 -33.53 -8.36 -21.75
N LEU D 71 -33.68 -9.16 -22.77
CA LEU D 71 -33.57 -8.67 -24.15
C LEU D 71 -34.61 -7.56 -24.46
N THR D 72 -35.86 -7.73 -24.02
N THR D 72 -35.86 -7.75 -23.99
CA THR D 72 -36.90 -6.72 -24.28
CA THR D 72 -36.95 -6.75 -24.19
C THR D 72 -36.53 -5.39 -23.58
C THR D 72 -36.55 -5.42 -23.58
N GLU D 73 -36.02 -5.46 -22.36
CA GLU D 73 -35.58 -4.27 -21.68
C GLU D 73 -34.47 -3.54 -22.47
N TYR D 74 -33.40 -4.26 -22.77
CA TYR D 74 -32.30 -3.70 -23.60
C TYR D 74 -32.78 -3.14 -24.95
N ALA D 75 -33.60 -3.94 -25.66
CA ALA D 75 -34.05 -3.57 -27.00
C ALA D 75 -34.97 -2.36 -27.05
N ASN D 76 -35.69 -2.10 -25.94
N ASN D 76 -35.71 -2.06 -26.01
CA ASN D 76 -36.68 -0.99 -25.77
CA ASN D 76 -36.69 -1.00 -26.14
C ASN D 76 -36.05 0.39 -25.99
C ASN D 76 -36.08 0.42 -25.93
N HIS D 77 -34.80 0.52 -25.57
CA HIS D 77 -34.14 1.82 -25.52
C HIS D 77 -32.60 1.75 -25.71
N HIS D 78 -31.92 1.08 -24.81
CA HIS D 78 -30.46 1.08 -24.76
C HIS D 78 -29.88 0.59 -26.09
N LEU D 80 -31.12 0.84 -29.17
CA LEU D 80 -31.30 1.91 -30.15
C LEU D 80 -30.31 3.05 -29.92
N ALA D 81 -30.08 3.36 -28.65
CA ALA D 81 -29.07 4.34 -28.29
C ALA D 81 -27.68 3.90 -28.74
N ASP D 82 -27.30 2.66 -28.45
CA ASP D 82 -25.99 2.12 -28.85
C ASP D 82 -25.81 2.21 -30.37
N ALA D 84 -27.21 4.28 -32.50
CA ALA D 84 -27.06 5.69 -32.85
C ALA D 84 -25.65 6.19 -32.53
N TYR D 85 -25.13 5.84 -31.34
CA TYR D 85 -23.75 6.11 -30.91
C TYR D 85 -22.69 5.51 -31.87
N LEU D 86 -22.89 4.29 -32.34
CA LEU D 86 -21.92 3.67 -33.24
C LEU D 86 -21.93 4.15 -34.70
N LYS D 87 -23.01 4.81 -35.07
CA LYS D 87 -23.23 5.17 -36.47
C LYS D 87 -22.04 5.97 -36.97
N GLY D 88 -21.60 6.95 -36.19
CA GLY D 88 -20.47 7.77 -36.62
C GLY D 88 -19.07 7.31 -36.24
N LEU D 89 -18.91 6.09 -35.75
CA LEU D 89 -17.60 5.66 -35.26
C LEU D 89 -16.89 4.60 -36.09
N THR D 90 -15.57 4.55 -35.96
CA THR D 90 -14.82 3.37 -36.40
C THR D 90 -14.34 2.62 -35.15
N ILE D 91 -14.66 1.31 -35.13
CA ILE D 91 -14.32 0.40 -34.04
C ILE D 91 -13.24 -0.55 -34.54
N THR D 92 -11.97 -0.29 -34.19
CA THR D 92 -10.85 -1.10 -34.67
C THR D 92 -10.44 -2.12 -33.62
N PRO D 93 -10.65 -3.40 -33.88
CA PRO D 93 -10.31 -4.47 -32.94
C PRO D 93 -8.82 -4.51 -32.60
N LYS D 94 -8.52 -4.69 -31.33
CA LYS D 94 -7.13 -4.65 -30.91
C LYS D 94 -6.75 -6.01 -30.35
N GLU D 95 -7.58 -6.57 -29.48
CA GLU D 95 -7.40 -7.95 -29.06
C GLU D 95 -8.69 -8.59 -28.75
N HIS D 96 -8.64 -9.92 -28.86
CA HIS D 96 -9.81 -10.74 -28.68
C HIS D 96 -9.35 -12.15 -28.31
N GLN D 97 -9.89 -12.65 -27.21
CA GLN D 97 -9.66 -14.01 -26.70
C GLN D 97 -11.00 -14.65 -26.44
N ILE D 98 -11.09 -15.95 -26.68
N ILE D 98 -11.06 -15.94 -26.68
CA ILE D 98 -12.34 -16.63 -26.34
CA ILE D 98 -12.29 -16.70 -26.51
C ILE D 98 -11.96 -17.95 -25.73
C ILE D 98 -11.95 -17.99 -25.75
N THR D 99 -12.78 -18.36 -24.77
CA THR D 99 -12.61 -19.61 -24.04
C THR D 99 -13.89 -20.35 -24.32
N ILE D 100 -13.80 -21.60 -24.77
CA ILE D 100 -15.00 -22.39 -25.07
C ILE D 100 -14.81 -23.71 -24.34
N THR D 101 -15.76 -24.03 -23.49
CA THR D 101 -15.67 -25.27 -22.76
C THR D 101 -17.05 -25.79 -22.50
N GLY D 102 -17.32 -27.00 -22.98
CA GLY D 102 -18.67 -27.55 -22.87
C GLY D 102 -19.66 -26.57 -23.46
N ASP D 103 -20.67 -26.23 -22.68
CA ASP D 103 -21.79 -25.38 -23.14
C ASP D 103 -21.63 -23.90 -22.84
N ILE D 104 -20.45 -23.51 -22.40
CA ILE D 104 -20.18 -22.12 -22.03
C ILE D 104 -18.99 -21.56 -22.79
N ALA D 105 -19.13 -20.30 -23.20
CA ALA D 105 -18.04 -19.55 -23.84
C ALA D 105 -17.88 -18.16 -23.23
N ILE D 106 -16.63 -17.70 -23.09
CA ILE D 106 -16.37 -16.36 -22.61
C ILE D 106 -15.52 -15.68 -23.65
N SER D 107 -16.01 -14.55 -24.13
CA SER D 107 -15.31 -13.69 -25.10
C SER D 107 -14.86 -12.39 -24.43
N THR D 108 -13.58 -12.05 -24.53
CA THR D 108 -12.99 -10.81 -23.97
C THR D 108 -12.30 -10.07 -25.10
N SER D 109 -12.69 -8.82 -25.29
CA SER D 109 -12.13 -8.05 -26.38
C SER D 109 -11.90 -6.59 -26.01
N ILE D 110 -10.92 -6.03 -26.69
CA ILE D 110 -10.57 -4.64 -26.53
C ILE D 110 -10.53 -4.05 -27.96
N SER D 111 -11.22 -2.93 -28.16
CA SER D 111 -11.26 -2.23 -29.43
C SER D 111 -10.97 -0.74 -29.25
N HIS D 112 -10.62 -0.11 -30.35
CA HIS D 112 -10.32 1.30 -30.37
C HIS D 112 -11.45 1.97 -31.14
N ALA D 113 -12.22 2.76 -30.42
CA ALA D 113 -13.33 3.52 -30.99
C ALA D 113 -12.88 4.94 -31.32
N GLN D 114 -13.09 5.35 -32.56
CA GLN D 114 -12.70 6.67 -33.04
C GLN D 114 -13.81 7.28 -33.85
N GLY D 115 -14.03 8.58 -33.66
CA GLY D 115 -14.98 9.32 -34.47
C GLY D 115 -15.50 10.45 -33.65
N GLU D 116 -16.77 10.78 -33.88
CA GLU D 116 -17.41 11.73 -33.01
C GLU D 116 -18.88 11.38 -32.81
N TYR D 117 -19.42 11.96 -31.75
CA TYR D 117 -20.79 11.74 -31.38
C TYR D 117 -21.35 13.09 -30.93
N LYS D 118 -22.49 13.47 -31.52
CA LYS D 118 -23.12 14.75 -31.26
C LYS D 118 -22.14 15.92 -31.48
N GLY D 119 -21.30 15.83 -32.52
CA GLY D 119 -20.30 16.86 -32.79
C GLY D 119 -18.99 16.88 -31.99
N LYS D 120 -18.90 16.08 -30.91
CA LYS D 120 -17.67 15.98 -30.06
C LYS D 120 -16.81 14.72 -30.32
N SER D 121 -15.50 14.82 -30.07
CA SER D 121 -14.54 13.75 -30.38
C SER D 121 -14.60 12.50 -29.49
N ILE D 122 -14.61 11.33 -30.14
CA ILE D 122 -14.54 10.02 -29.46
C ILE D 122 -13.18 9.40 -29.76
N ASP D 123 -12.43 9.08 -28.73
CA ASP D 123 -11.18 8.36 -28.91
C ASP D 123 -10.96 7.61 -27.64
N SER D 124 -11.46 6.38 -27.61
CA SER D 124 -11.42 5.54 -26.41
C SER D 124 -11.10 4.09 -26.77
N THR D 126 -12.12 0.58 -25.83
CA THR D 126 -13.34 0.03 -25.29
C THR D 126 -13.09 -1.43 -24.93
N GLU D 128 -14.92 -5.23 -23.62
CA GLU D 128 -16.08 -6.09 -23.60
C GLU D 128 -15.82 -7.49 -23.07
N THR D 129 -16.59 -7.89 -22.08
CA THR D 129 -16.67 -9.30 -21.68
C THR D 129 -18.08 -9.83 -22.01
N LEU D 130 -18.13 -10.93 -22.74
CA LEU D 130 -19.39 -11.59 -23.08
C LEU D 130 -19.35 -13.04 -22.62
N VAL D 131 -20.47 -13.51 -22.06
CA VAL D 131 -20.69 -14.88 -21.72
C VAL D 131 -21.73 -15.40 -22.72
N LEU D 132 -21.44 -16.54 -23.32
CA LEU D 132 -22.36 -17.19 -24.22
C LEU D 132 -22.64 -18.63 -23.76
N ILE D 133 -23.87 -19.08 -23.97
CA ILE D 133 -24.32 -20.41 -23.63
C ILE D 133 -24.92 -21.06 -24.85
N LYS D 134 -24.54 -22.30 -25.08
CA LYS D 134 -25.05 -23.08 -26.20
C LYS D 134 -26.44 -23.59 -25.87
N GLN D 135 -27.37 -23.27 -26.77
CA GLN D 135 -28.78 -23.66 -26.64
C GLN D 135 -29.01 -25.10 -27.14
N ALA D 136 -30.14 -25.70 -26.72
CA ALA D 136 -30.56 -27.04 -27.20
C ALA D 136 -30.53 -27.17 -28.75
N ASP D 137 -30.93 -26.11 -29.48
CA ASP D 137 -30.90 -26.17 -30.95
C ASP D 137 -29.50 -26.00 -31.52
N GLY D 138 -28.49 -25.92 -30.65
CA GLY D 138 -27.08 -25.74 -31.04
C GLY D 138 -26.63 -24.31 -31.29
N ARG D 139 -27.57 -23.36 -31.23
CA ARG D 139 -27.25 -21.96 -31.35
C ARG D 139 -26.59 -21.47 -30.07
N TRP D 140 -25.55 -20.63 -30.18
CA TRP D 140 -24.98 -19.94 -29.03
C TRP D 140 -25.70 -18.59 -28.87
N LYS D 141 -26.08 -18.26 -27.63
CA LYS D 141 -26.64 -16.99 -27.29
C LYS D 141 -25.87 -16.29 -26.14
N ILE D 142 -25.73 -14.98 -26.25
CA ILE D 142 -25.08 -14.16 -25.28
C ILE D 142 -25.98 -13.99 -24.06
N THR D 143 -25.50 -14.37 -22.88
CA THR D 143 -26.27 -14.28 -21.62
C THR D 143 -25.84 -13.13 -20.67
N HIS D 144 -24.65 -12.59 -20.93
CA HIS D 144 -24.10 -11.52 -20.14
C HIS D 144 -23.20 -10.68 -20.97
N VAL D 145 -23.37 -9.38 -20.82
CA VAL D 145 -22.54 -8.39 -21.53
C VAL D 145 -22.01 -7.39 -20.51
N HIS D 146 -20.69 -7.14 -20.52
CA HIS D 146 -20.11 -6.08 -19.68
C HIS D 146 -19.30 -5.19 -20.61
N TRP D 147 -19.74 -3.95 -20.73
CA TRP D 147 -19.02 -2.95 -21.52
C TRP D 147 -18.44 -1.84 -20.64
N SER D 148 -17.24 -1.40 -20.99
CA SER D 148 -16.58 -0.25 -20.42
C SER D 148 -15.61 0.39 -21.44
N ALA E 24 22.66 -11.74 30.73
CA ALA E 24 21.97 -12.20 29.47
C ALA E 24 20.72 -11.35 29.18
N PHE E 25 20.43 -10.34 30.00
CA PHE E 25 19.30 -9.40 29.77
C PHE E 25 19.81 -7.97 29.76
N ILE E 26 19.74 -7.30 28.62
CA ILE E 26 20.39 -6.00 28.39
C ILE E 26 19.52 -5.10 27.55
N GLY E 27 19.28 -3.88 28.02
CA GLY E 27 18.47 -2.91 27.31
C GLY E 27 16.97 -3.19 27.26
N VAL E 28 16.50 -4.17 28.03
CA VAL E 28 15.08 -4.54 27.96
C VAL E 28 14.16 -3.50 28.64
N ASP E 29 14.72 -2.78 29.60
CA ASP E 29 13.98 -1.76 30.36
C ASP E 29 14.12 -0.44 29.64
N SER E 30 13.38 -0.33 28.54
CA SER E 30 13.49 0.79 27.63
C SER E 30 12.17 0.92 26.88
N ALA E 31 12.03 1.99 26.12
CA ALA E 31 10.80 2.20 25.35
C ALA E 31 10.67 1.10 24.29
N ALA E 32 11.77 0.74 23.63
CA ALA E 32 11.68 -0.33 22.64
C ALA E 32 11.40 -1.68 23.34
N GLY E 33 12.02 -1.91 24.50
CA GLY E 33 11.81 -3.14 25.29
C GLY E 33 10.38 -3.30 25.77
N ASN E 34 9.75 -2.18 26.12
CA ASN E 34 8.34 -2.22 26.49
C ASN E 34 7.42 -2.65 25.35
N VAL E 35 7.69 -2.24 24.13
CA VAL E 35 6.90 -2.72 23.01
C VAL E 35 7.06 -4.22 22.84
N VAL E 36 8.30 -4.70 22.89
CA VAL E 36 8.59 -6.13 22.79
C VAL E 36 7.86 -6.91 23.88
N LYS E 37 7.97 -6.41 25.11
CA LYS E 37 7.29 -7.03 26.25
C LYS E 37 5.75 -7.11 26.08
N GLN E 38 5.15 -5.99 25.67
CA GLN E 38 3.72 -5.96 25.40
C GLN E 38 3.32 -6.90 24.27
N PHE E 39 4.14 -6.99 23.24
CA PHE E 39 3.86 -7.87 22.13
C PHE E 39 3.86 -9.30 22.60
N HIS E 40 4.90 -9.68 23.37
CA HIS E 40 5.01 -11.04 23.94
C HIS E 40 3.78 -11.31 24.81
N ALA E 41 3.41 -10.33 25.65
CA ALA E 41 2.29 -10.53 26.58
C ALA E 41 0.98 -10.68 25.83
N ALA E 42 0.78 -9.81 24.84
CA ALA E 42 -0.41 -9.83 23.96
C ALA E 42 -0.61 -11.18 23.26
N LEU E 43 0.46 -11.76 22.71
CA LEU E 43 0.42 -13.06 22.02
C LEU E 43 0.07 -14.19 22.97
N GLN E 44 0.73 -14.15 24.11
CA GLN E 44 0.51 -15.19 25.12
C GLN E 44 -0.85 -15.04 25.84
N GLY E 46 -3.70 -13.57 24.13
CA GLY E 46 -4.74 -13.47 23.11
C GLY E 46 -5.25 -12.07 22.86
N ASN E 47 -4.49 -11.05 23.28
CA ASN E 47 -4.95 -9.68 23.08
C ASN E 47 -4.54 -9.21 21.69
N GLU E 48 -5.52 -9.27 20.81
CA GLU E 48 -5.32 -8.97 19.43
C GLU E 48 -5.09 -7.50 19.25
N ALA E 49 -5.72 -6.67 20.11
CA ALA E 49 -5.58 -5.22 20.01
C ALA E 49 -4.13 -4.77 20.26
N ILE E 50 -3.47 -5.42 21.19
CA ILE E 50 -2.13 -4.98 21.55
C ILE E 50 -1.10 -5.46 20.51
N VAL E 51 -1.34 -6.62 19.93
CA VAL E 51 -0.50 -7.14 18.83
C VAL E 51 -0.53 -6.12 17.72
N ARG E 52 -1.73 -5.69 17.36
N ARG E 52 -1.72 -5.70 17.34
CA ARG E 52 -1.92 -4.72 16.28
CA ARG E 52 -1.87 -4.68 16.30
C ARG E 52 -1.32 -3.33 16.61
C ARG E 52 -1.12 -3.42 16.64
N GLN E 53 -1.24 -2.97 17.90
CA GLN E 53 -0.54 -1.76 18.30
C GLN E 53 1.00 -1.93 18.27
N SER E 54 1.48 -3.16 18.37
CA SER E 54 2.93 -3.45 18.44
C SER E 54 3.63 -3.59 17.07
N LEU E 55 2.85 -4.03 16.10
CA LEU E 55 3.36 -4.36 14.80
C LEU E 55 3.01 -3.31 13.76
N ALA E 56 3.97 -3.03 12.88
CA ALA E 56 3.81 -2.10 11.78
C ALA E 56 2.82 -2.66 10.77
N ALA E 57 2.22 -1.76 10.01
CA ALA E 57 1.24 -2.13 8.99
C ALA E 57 1.86 -3.11 8.01
N ASN E 58 3.12 -2.85 7.70
CA ASN E 58 3.91 -3.52 6.70
C ASN E 58 4.88 -4.53 7.33
N VAL E 59 4.57 -5.00 8.53
CA VAL E 59 5.45 -5.96 9.22
C VAL E 59 5.67 -7.25 8.41
N GLN E 60 6.90 -7.75 8.45
CA GLN E 60 7.28 -9.00 7.80
C GLN E 60 7.54 -10.05 8.88
N ILE E 61 6.97 -11.25 8.70
CA ILE E 61 7.10 -12.34 9.68
C ILE E 61 7.72 -13.53 8.92
N TYR E 62 8.86 -13.98 9.41
CA TYR E 62 9.57 -15.16 8.96
C TYR E 62 9.36 -16.27 10.01
N GLU E 63 8.83 -17.43 9.57
CA GLU E 63 8.64 -18.58 10.44
C GLU E 63 8.26 -19.79 9.60
N GLY E 64 8.95 -20.88 9.86
CA GLY E 64 8.67 -22.18 9.18
C GLY E 64 8.83 -22.16 7.67
N GLY E 65 9.78 -21.41 7.17
CA GLY E 65 10.01 -21.33 5.73
C GLY E 65 9.00 -20.49 4.96
N LYS E 66 8.10 -19.85 5.71
CA LYS E 66 7.02 -19.05 5.15
C LYS E 66 7.11 -17.60 5.64
N VAL E 67 6.66 -16.69 4.79
CA VAL E 67 6.73 -15.28 5.07
C VAL E 67 5.33 -14.63 5.00
N GLU E 68 5.00 -13.81 5.97
CA GLU E 68 3.85 -12.91 5.83
C GLU E 68 4.43 -11.52 5.62
N ARG E 69 3.74 -10.71 4.86
CA ARG E 69 4.26 -9.40 4.44
C ARG E 69 3.48 -8.19 4.95
N SER E 70 2.42 -8.42 5.70
CA SER E 70 1.69 -7.34 6.34
C SER E 70 1.05 -7.79 7.62
N LEU E 71 0.67 -6.80 8.44
CA LEU E 71 -0.11 -7.05 9.64
C LEU E 71 -1.43 -7.75 9.28
N THR E 72 -2.10 -7.21 8.27
CA THR E 72 -3.36 -7.79 7.83
C THR E 72 -3.23 -9.27 7.54
N GLU E 73 -2.18 -9.63 6.81
CA GLU E 73 -1.99 -11.04 6.47
C GLU E 73 -1.79 -11.85 7.73
N TYR E 74 -0.89 -11.37 8.60
CA TYR E 74 -0.56 -12.08 9.83
C TYR E 74 -1.80 -12.29 10.71
N ALA E 75 -2.50 -11.21 11.01
CA ALA E 75 -3.72 -11.27 11.82
C ALA E 75 -4.82 -12.18 11.27
N ASN E 76 -4.85 -12.44 9.96
CA ASN E 76 -5.91 -13.21 9.37
C ASN E 76 -5.97 -14.66 9.82
N HIS E 77 -4.83 -15.26 10.06
CA HIS E 77 -4.81 -16.68 10.38
C HIS E 77 -3.65 -17.00 11.31
N HIS E 78 -2.45 -16.62 10.90
CA HIS E 78 -1.22 -17.00 11.62
C HIS E 78 -1.27 -16.54 13.08
N LEU E 80 -3.91 -15.94 14.96
CA LEU E 80 -4.90 -16.74 15.72
C LEU E 80 -4.33 -18.11 16.08
N ALA E 81 -3.60 -18.71 15.15
CA ALA E 81 -2.92 -20.00 15.41
C ALA E 81 -1.82 -19.88 16.45
N ASP E 82 -1.03 -18.83 16.37
CA ASP E 82 -0.01 -18.59 17.37
C ASP E 82 -0.63 -18.46 18.75
N ALA E 84 -3.44 -19.66 19.85
CA ALA E 84 -3.98 -20.97 20.21
C ALA E 84 -2.87 -21.88 20.75
N TYR E 85 -1.73 -21.82 20.05
CA TYR E 85 -0.56 -22.59 20.41
C TYR E 85 -0.01 -22.18 21.76
N LEU E 86 0.04 -20.87 22.00
CA LEU E 86 0.65 -20.38 23.24
C LEU E 86 -0.26 -20.58 24.46
N LYS E 87 -1.56 -20.78 24.24
CA LYS E 87 -2.49 -20.88 25.38
C LYS E 87 -2.16 -21.99 26.38
N GLY E 88 -1.63 -23.12 25.90
CA GLY E 88 -1.24 -24.23 26.77
C GLY E 88 0.22 -24.26 27.18
N LEU E 89 0.95 -23.18 26.89
CA LEU E 89 2.37 -23.11 27.20
C LEU E 89 2.65 -22.03 28.23
N THR E 90 3.78 -22.22 28.94
CA THR E 90 4.38 -21.18 29.72
C THR E 90 5.66 -20.87 28.97
N ILE E 91 5.95 -19.59 28.84
CA ILE E 91 7.13 -19.14 28.10
C ILE E 91 7.97 -18.40 29.10
N THR E 92 9.16 -18.92 29.34
CA THR E 92 10.04 -18.34 30.32
C THR E 92 11.29 -17.77 29.62
N PRO E 93 11.45 -16.43 29.62
CA PRO E 93 12.63 -15.76 29.04
C PRO E 93 13.93 -16.25 29.66
N LYS E 94 14.90 -16.59 28.81
CA LYS E 94 16.20 -17.07 29.23
C LYS E 94 17.30 -16.05 28.96
N GLU E 95 17.23 -15.37 27.83
CA GLU E 95 18.10 -14.25 27.56
C GLU E 95 17.46 -13.28 26.56
N HIS E 96 17.81 -12.02 26.69
CA HIS E 96 17.20 -10.95 25.90
C HIS E 96 18.07 -9.73 25.83
N GLN E 97 18.45 -9.33 24.63
CA GLN E 97 19.23 -8.13 24.43
C GLN E 97 18.50 -7.22 23.46
N ILE E 98 18.44 -5.94 23.78
CA ILE E 98 17.97 -4.97 22.82
C ILE E 98 19.10 -4.00 22.61
N THR E 99 19.46 -3.84 21.36
CA THR E 99 20.50 -2.94 20.91
C THR E 99 19.87 -1.88 20.03
N ILE E 100 20.14 -0.62 20.37
CA ILE E 100 19.58 0.54 19.66
C ILE E 100 20.68 1.23 18.87
N THR E 101 20.42 1.42 17.57
CA THR E 101 21.34 2.11 16.68
C THR E 101 20.56 3.18 15.95
N GLY E 102 20.66 4.41 16.46
CA GLY E 102 19.86 5.50 15.93
C GLY E 102 18.41 5.18 16.22
N ASP E 103 17.58 5.25 15.18
CA ASP E 103 16.18 4.96 15.29
C ASP E 103 15.82 3.53 14.85
N ILE E 104 16.80 2.63 14.93
CA ILE E 104 16.54 1.22 14.76
C ILE E 104 16.89 0.50 16.03
N ALA E 105 16.01 -0.40 16.46
CA ALA E 105 16.32 -1.27 17.61
C ALA E 105 16.25 -2.76 17.12
N ILE E 106 17.12 -3.61 17.66
CA ILE E 106 17.20 -5.03 17.33
C ILE E 106 17.02 -5.74 18.66
N SER E 107 16.02 -6.62 18.73
CA SER E 107 15.73 -7.38 19.93
C SER E 107 15.99 -8.83 19.62
N THR E 108 16.84 -9.46 20.41
CA THR E 108 17.18 -10.87 20.20
C THR E 108 16.94 -11.59 21.51
N SER E 109 16.04 -12.56 21.49
CA SER E 109 15.72 -13.28 22.71
C SER E 109 15.59 -14.80 22.51
N ILE E 110 15.87 -15.52 23.59
CA ILE E 110 15.68 -16.95 23.63
C ILE E 110 14.86 -17.25 24.86
N SER E 111 13.82 -18.07 24.69
CA SER E 111 12.89 -18.41 25.78
C SER E 111 12.65 -19.90 25.82
N HIS E 112 12.22 -20.38 26.99
CA HIS E 112 11.95 -21.78 27.22
C HIS E 112 10.45 -21.96 27.20
N ALA E 113 9.96 -22.73 26.22
CA ALA E 113 8.53 -23.05 26.07
C ALA E 113 8.26 -24.41 26.71
N GLN E 114 7.27 -24.45 27.60
CA GLN E 114 6.88 -25.67 28.26
C GLN E 114 5.39 -25.84 28.34
N GLY E 115 4.92 -27.03 27.98
CA GLY E 115 3.51 -27.35 28.10
C GLY E 115 3.10 -28.46 27.16
N GLU E 116 1.89 -28.37 26.63
CA GLU E 116 1.42 -29.36 25.71
C GLU E 116 0.70 -28.66 24.59
N TYR E 117 0.56 -29.35 23.48
CA TYR E 117 -0.19 -28.84 22.34
C TYR E 117 -0.65 -30.04 21.53
N LYS E 118 -1.95 -30.08 21.25
CA LYS E 118 -2.55 -31.21 20.57
C LYS E 118 -2.15 -32.53 21.22
N GLY E 119 -2.14 -32.56 22.56
CA GLY E 119 -1.75 -33.76 23.28
C GLY E 119 -0.26 -34.12 23.28
N LYS E 120 0.59 -33.35 22.61
CA LYS E 120 2.03 -33.63 22.63
C LYS E 120 2.77 -32.67 23.58
N SER E 121 3.76 -33.22 24.28
CA SER E 121 4.52 -32.45 25.24
C SER E 121 5.44 -31.48 24.52
N ILE E 122 5.55 -30.26 25.02
CA ILE E 122 6.44 -29.27 24.46
C ILE E 122 7.45 -28.86 25.52
N ASP E 123 8.72 -28.90 25.12
CA ASP E 123 9.82 -28.56 26.00
C ASP E 123 10.98 -28.16 25.10
N SER E 124 11.06 -26.87 24.83
CA SER E 124 12.05 -26.42 23.86
C SER E 124 12.40 -24.95 23.98
N THR E 126 12.87 -21.45 22.17
CA THR E 126 12.38 -20.70 21.01
C THR E 126 13.31 -19.47 20.85
N GLU E 128 13.93 -15.62 18.84
CA GLU E 128 13.28 -14.49 18.27
C GLU E 128 14.24 -13.36 17.98
N THR E 129 14.20 -12.90 16.74
CA THR E 129 14.86 -11.66 16.30
C THR E 129 13.74 -10.71 15.84
N LEU E 130 13.72 -9.50 16.43
CA LEU E 130 12.80 -8.44 16.04
C LEU E 130 13.59 -7.19 15.65
N VAL E 131 13.13 -6.55 14.58
CA VAL E 131 13.58 -5.24 14.15
C VAL E 131 12.43 -4.25 14.48
N LEU E 132 12.79 -3.15 15.12
CA LEU E 132 11.87 -2.09 15.49
C LEU E 132 12.41 -0.77 14.94
N ILE E 133 11.49 0.08 14.53
CA ILE E 133 11.82 1.40 14.05
C ILE E 133 11.15 2.40 14.98
N LYS E 134 11.89 3.47 15.28
CA LYS E 134 11.35 4.66 15.99
C LYS E 134 10.74 5.58 14.93
N GLN E 135 9.41 5.63 14.89
CA GLN E 135 8.65 6.38 13.90
C GLN E 135 8.62 7.90 14.14
N ALA E 136 7.91 8.59 13.25
CA ALA E 136 7.80 10.05 13.28
C ALA E 136 7.18 10.53 14.59
N ASP E 137 6.34 9.70 15.20
CA ASP E 137 5.73 10.05 16.50
C ASP E 137 6.55 9.67 17.72
N GLY E 138 7.80 9.25 17.50
CA GLY E 138 8.69 8.80 18.53
C GLY E 138 8.32 7.45 19.12
N ARG E 139 7.36 6.74 18.53
CA ARG E 139 6.94 5.43 19.06
C ARG E 139 7.58 4.29 18.26
N TRP E 140 7.99 3.27 18.99
CA TRP E 140 8.63 2.10 18.41
C TRP E 140 7.61 1.09 17.86
N LYS E 141 7.86 0.55 16.68
CA LYS E 141 6.95 -0.45 16.11
C LYS E 141 7.79 -1.55 15.53
N ILE E 142 7.33 -2.77 15.63
CA ILE E 142 8.04 -3.91 15.09
C ILE E 142 7.83 -4.00 13.57
N THR E 143 8.94 -4.06 12.84
CA THR E 143 8.86 -4.16 11.39
C THR E 143 9.25 -5.53 10.81
N HIS E 144 9.96 -6.35 11.60
CA HIS E 144 10.39 -7.70 11.11
C HIS E 144 10.46 -8.61 12.32
N VAL E 145 9.97 -9.84 12.14
CA VAL E 145 9.92 -10.88 13.17
C VAL E 145 10.49 -12.13 12.51
N HIS E 146 11.50 -12.74 13.13
CA HIS E 146 12.02 -14.07 12.70
C HIS E 146 11.94 -14.97 13.95
N TRP E 147 11.13 -16.02 13.83
CA TRP E 147 10.93 -16.98 14.84
C TRP E 147 11.47 -18.31 14.39
N SER E 148 12.11 -19.01 15.33
CA SER E 148 12.50 -20.40 15.13
C SER E 148 12.57 -21.12 16.48
N ASP F 29 22.05 -4.06 -3.80
CA ASP F 29 23.33 -3.50 -4.34
C ASP F 29 23.79 -2.21 -3.63
N SER F 30 24.51 -2.46 -2.56
CA SER F 30 24.99 -1.46 -1.66
C SER F 30 26.18 -2.16 -1.06
N ALA F 31 27.02 -1.43 -0.32
CA ALA F 31 28.16 -2.03 0.40
C ALA F 31 27.69 -3.07 1.35
N ALA F 32 26.59 -2.81 2.05
CA ALA F 32 26.05 -3.80 2.98
C ALA F 32 25.59 -5.07 2.24
N GLY F 33 24.90 -4.90 1.12
CA GLY F 33 24.53 -6.01 0.27
C GLY F 33 25.71 -6.83 -0.26
N ASN F 34 26.80 -6.15 -0.60
CA ASN F 34 27.98 -6.85 -1.06
C ASN F 34 28.58 -7.74 0.04
N VAL F 35 28.56 -7.27 1.29
CA VAL F 35 29.10 -8.09 2.36
C VAL F 35 28.18 -9.33 2.54
N VAL F 36 26.86 -9.10 2.52
CA VAL F 36 25.91 -10.25 2.53
C VAL F 36 26.19 -11.27 1.42
N LYS F 37 26.36 -10.82 0.17
CA LYS F 37 26.60 -11.74 -0.94
C LYS F 37 27.96 -12.45 -0.79
N GLN F 38 28.98 -11.72 -0.38
CA GLN F 38 30.31 -12.25 -0.06
C GLN F 38 30.31 -13.34 1.03
N PHE F 39 29.52 -13.10 2.06
CA PHE F 39 29.34 -14.03 3.17
C PHE F 39 28.72 -15.35 2.71
N HIS F 40 27.62 -15.25 1.97
CA HIS F 40 26.94 -16.40 1.40
C HIS F 40 27.85 -17.20 0.50
N ALA F 41 28.58 -16.52 -0.38
CA ALA F 41 29.53 -17.15 -1.31
C ALA F 41 30.62 -17.85 -0.54
N ALA F 42 31.28 -17.12 0.37
CA ALA F 42 32.34 -17.67 1.17
C ALA F 42 31.92 -18.92 1.98
N LEU F 43 30.73 -18.93 2.53
CA LEU F 43 30.26 -20.12 3.25
C LEU F 43 30.03 -21.32 2.33
N GLN F 44 29.52 -21.04 1.13
CA GLN F 44 29.24 -22.11 0.16
C GLN F 44 30.54 -22.57 -0.52
N GLY F 46 33.59 -22.46 1.02
CA GLY F 46 34.54 -22.83 2.05
C GLY F 46 35.69 -21.86 2.24
N ASN F 47 35.43 -20.57 2.04
CA ASN F 47 36.47 -19.56 2.21
C ASN F 47 36.39 -18.98 3.61
N GLU F 48 37.16 -19.60 4.49
N GLU F 48 37.16 -19.58 4.50
CA GLU F 48 37.19 -19.24 5.89
CA GLU F 48 37.15 -19.21 5.90
C GLU F 48 37.60 -17.79 6.12
C GLU F 48 37.61 -17.78 6.13
N ALA F 49 38.59 -17.32 5.35
CA ALA F 49 39.08 -15.96 5.48
C ALA F 49 38.00 -14.91 5.27
N ILE F 50 37.19 -15.08 4.23
CA ILE F 50 36.12 -14.13 3.89
C ILE F 50 34.93 -14.22 4.85
N VAL F 51 34.64 -15.43 5.32
CA VAL F 51 33.64 -15.62 6.39
C VAL F 51 34.06 -14.80 7.60
N ARG F 52 35.27 -14.99 8.10
CA ARG F 52 35.76 -14.22 9.25
C ARG F 52 35.72 -12.72 9.03
N GLN F 53 36.15 -12.27 7.86
CA GLN F 53 36.14 -10.86 7.50
C GLN F 53 34.73 -10.21 7.47
N SER F 54 33.70 -11.01 7.20
CA SER F 54 32.34 -10.53 7.06
C SER F 54 31.63 -10.39 8.38
N LEU F 55 32.11 -11.16 9.36
CA LEU F 55 31.48 -11.25 10.65
C LEU F 55 32.20 -10.38 11.65
N ALA F 56 31.46 -9.63 12.47
CA ALA F 56 32.05 -8.90 13.60
C ALA F 56 32.65 -9.85 14.65
N ALA F 57 33.71 -9.39 15.32
CA ALA F 57 34.33 -10.15 16.40
C ALA F 57 33.32 -10.63 17.47
N ASN F 58 32.32 -9.82 17.75
CA ASN F 58 31.28 -10.14 18.72
C ASN F 58 29.98 -10.58 18.09
N VAL F 59 30.03 -11.21 16.90
CA VAL F 59 28.79 -11.61 16.23
C VAL F 59 28.07 -12.57 17.12
N GLN F 60 26.75 -12.45 17.08
CA GLN F 60 25.84 -13.37 17.69
C GLN F 60 25.15 -14.21 16.61
N ILE F 61 25.12 -15.53 16.81
CA ILE F 61 24.53 -16.46 15.85
C ILE F 61 23.43 -17.34 16.47
N TYR F 62 22.22 -17.19 15.97
CA TYR F 62 21.07 -17.96 16.41
C TYR F 62 20.76 -19.02 15.37
N GLU F 63 20.83 -20.31 15.72
CA GLU F 63 20.36 -21.39 14.86
C GLU F 63 19.98 -22.64 15.68
N GLY F 64 18.78 -23.14 15.44
CA GLY F 64 18.38 -24.41 16.02
C GLY F 64 18.37 -24.53 17.52
N GLY F 65 18.03 -23.45 18.18
CA GLY F 65 17.95 -23.43 19.64
C GLY F 65 19.25 -23.13 20.34
N LYS F 66 20.30 -22.95 19.55
CA LYS F 66 21.64 -22.71 20.03
C LYS F 66 22.12 -21.33 19.59
N VAL F 67 22.90 -20.69 20.46
CA VAL F 67 23.50 -19.39 20.20
C VAL F 67 25.01 -19.42 20.33
N GLU F 68 25.71 -18.87 19.32
CA GLU F 68 27.13 -18.58 19.46
C GLU F 68 27.25 -17.09 19.68
N ARG F 69 28.20 -16.71 20.52
CA ARG F 69 28.31 -15.34 21.04
C ARG F 69 29.52 -14.56 20.58
N SER F 70 30.37 -15.18 19.77
CA SER F 70 31.52 -14.49 19.19
C SER F 70 31.91 -15.16 17.91
N LEU F 71 32.65 -14.45 17.09
CA LEU F 71 33.22 -15.05 15.91
C LEU F 71 34.12 -16.24 16.28
N THR F 72 34.93 -16.14 17.34
CA THR F 72 35.75 -17.28 17.76
C THR F 72 34.90 -18.52 18.03
N GLU F 73 33.83 -18.33 18.79
CA GLU F 73 32.99 -19.46 19.15
C GLU F 73 32.45 -20.12 17.89
N TYR F 74 31.88 -19.30 17.01
CA TYR F 74 31.37 -19.77 15.69
C TYR F 74 32.43 -20.45 14.82
N ALA F 75 33.57 -19.80 14.67
CA ALA F 75 34.63 -20.29 13.80
C ALA F 75 35.22 -21.61 14.31
N ASN F 76 35.18 -21.84 15.61
CA ASN F 76 35.81 -23.06 16.13
C ASN F 76 35.04 -24.36 15.85
N HIS F 77 33.74 -24.27 15.71
CA HIS F 77 32.86 -25.45 15.56
C HIS F 77 31.94 -25.42 14.34
N HIS F 78 30.99 -24.53 14.55
CA HIS F 78 29.83 -24.40 13.76
C HIS F 78 30.26 -24.08 12.32
N LEU F 80 32.89 -24.69 10.14
CA LEU F 80 33.29 -25.82 9.31
C LEU F 80 32.19 -26.81 9.08
N ALA F 81 31.36 -27.04 10.09
CA ALA F 81 30.17 -27.89 9.97
C ALA F 81 29.23 -27.27 8.93
N ASP F 82 29.01 -25.96 9.03
CA ASP F 82 28.15 -25.23 8.05
C ASP F 82 28.66 -25.35 6.63
N ALA F 84 30.55 -27.78 5.36
CA ALA F 84 30.37 -29.19 4.96
C ALA F 84 28.94 -29.41 4.57
N TYR F 85 28.03 -28.86 5.37
CA TYR F 85 26.61 -29.01 5.12
C TYR F 85 26.22 -28.50 3.75
N LEU F 86 26.71 -27.29 3.39
CA LEU F 86 26.35 -26.64 2.12
C LEU F 86 26.99 -27.28 0.91
N LYS F 87 28.05 -28.04 1.11
CA LYS F 87 28.84 -28.53 0.00
C LYS F 87 28.01 -29.35 -0.97
N GLY F 88 27.10 -30.16 -0.47
CA GLY F 88 26.26 -30.99 -1.35
C GLY F 88 24.87 -30.42 -1.60
N LEU F 89 24.74 -29.09 -1.45
CA LEU F 89 23.47 -28.42 -1.66
C LEU F 89 23.62 -27.36 -2.69
N THR F 90 22.53 -27.11 -3.38
CA THR F 90 22.40 -25.98 -4.28
C THR F 90 21.48 -25.02 -3.55
N ILE F 91 21.97 -23.80 -3.35
CA ILE F 91 21.22 -22.76 -2.68
C ILE F 91 20.81 -21.70 -3.70
N THR F 92 19.52 -21.66 -3.98
CA THR F 92 18.92 -20.77 -4.97
C THR F 92 18.21 -19.57 -4.31
N PRO F 93 18.73 -18.35 -4.50
CA PRO F 93 18.03 -17.22 -3.93
C PRO F 93 16.57 -17.05 -4.45
N LYS F 94 15.65 -16.75 -3.54
CA LYS F 94 14.23 -16.60 -3.88
C LYS F 94 13.77 -15.18 -3.64
N GLU F 95 14.06 -14.63 -2.48
CA GLU F 95 13.84 -13.23 -2.22
C GLU F 95 14.86 -12.68 -1.20
N HIS F 96 15.07 -11.37 -1.28
CA HIS F 96 16.05 -10.69 -0.47
C HIS F 96 15.66 -9.22 -0.41
N GLN F 97 15.67 -8.66 0.79
CA GLN F 97 15.49 -7.23 0.97
C GLN F 97 16.61 -6.75 1.91
N ILE F 98 17.23 -5.60 1.63
CA ILE F 98 18.15 -5.01 2.59
C ILE F 98 17.73 -3.58 2.86
N THR F 99 17.62 -3.19 4.11
CA THR F 99 17.35 -1.79 4.45
C THR F 99 18.54 -1.19 5.20
N ILE F 100 19.07 -0.08 4.68
CA ILE F 100 20.17 0.65 5.32
C ILE F 100 19.65 1.93 5.96
N THR F 101 19.92 2.10 7.25
CA THR F 101 19.48 3.29 7.95
C THR F 101 20.66 3.74 8.73
N GLY F 102 21.45 4.65 8.16
CA GLY F 102 22.60 5.17 8.85
C GLY F 102 23.65 4.09 8.96
N ASP F 103 24.10 3.83 10.18
CA ASP F 103 25.12 2.85 10.45
C ASP F 103 24.62 1.40 10.65
N ILE F 104 23.34 1.11 10.42
CA ILE F 104 22.82 -0.25 10.60
C ILE F 104 22.13 -0.65 9.35
N ALA F 105 22.29 -1.92 8.95
CA ALA F 105 21.63 -2.47 7.79
C ALA F 105 20.95 -3.77 8.22
N ILE F 106 19.74 -4.01 7.71
CA ILE F 106 19.02 -5.26 7.99
C ILE F 106 18.77 -5.97 6.66
N SER F 107 19.30 -7.18 6.54
CA SER F 107 19.12 -8.08 5.40
C SER F 107 18.15 -9.21 5.79
N THR F 108 17.10 -9.42 5.00
CA THR F 108 16.23 -10.55 5.18
C THR F 108 16.12 -11.28 3.87
N SER F 109 16.43 -12.57 3.91
CA SER F 109 16.39 -13.37 2.70
C SER F 109 15.83 -14.77 2.90
N ILE F 110 15.30 -15.32 1.81
CA ILE F 110 14.73 -16.62 1.75
C ILE F 110 15.35 -17.27 0.52
N SER F 111 15.89 -18.47 0.69
CA SER F 111 16.50 -19.20 -0.41
C SER F 111 15.97 -20.62 -0.42
N HIS F 112 16.22 -21.32 -1.51
CA HIS F 112 15.76 -22.70 -1.64
C HIS F 112 17.00 -23.59 -1.63
N ALA F 113 17.03 -24.53 -0.70
CA ALA F 113 18.14 -25.44 -0.52
C ALA F 113 17.72 -26.83 -1.00
N GLN F 114 18.50 -27.37 -1.93
CA GLN F 114 18.23 -28.71 -2.47
C GLN F 114 19.52 -29.51 -2.57
N GLY F 115 19.44 -30.78 -2.17
CA GLY F 115 20.55 -31.71 -2.26
C GLY F 115 20.45 -32.78 -1.20
N GLU F 116 21.62 -33.16 -0.66
CA GLU F 116 21.70 -34.18 0.34
C GLU F 116 22.78 -33.82 1.36
N TYR F 117 22.62 -34.26 2.61
CA TYR F 117 23.73 -34.21 3.56
C TYR F 117 23.63 -35.46 4.44
N LYS F 118 24.70 -36.22 4.56
CA LYS F 118 24.68 -37.39 5.46
C LYS F 118 23.48 -38.30 5.19
N GLY F 119 23.23 -38.56 3.90
CA GLY F 119 22.17 -39.48 3.49
C GLY F 119 20.75 -38.95 3.59
N LYS F 120 20.57 -37.70 4.02
CA LYS F 120 19.22 -37.17 4.15
C LYS F 120 19.00 -36.23 2.99
N SER F 121 17.90 -36.46 2.28
CA SER F 121 17.49 -35.60 1.19
C SER F 121 17.03 -34.26 1.72
N ILE F 122 17.58 -33.18 1.17
CA ILE F 122 17.19 -31.86 1.60
C ILE F 122 16.42 -31.13 0.47
N ASP F 123 15.29 -30.55 0.83
CA ASP F 123 14.51 -29.76 -0.09
C ASP F 123 13.71 -28.83 0.79
N SER F 124 14.23 -27.62 0.98
CA SER F 124 13.55 -26.69 1.87
C SER F 124 13.89 -25.25 1.62
N THR F 126 15.00 -21.87 3.20
CA THR F 126 15.80 -21.45 4.33
C THR F 126 15.58 -19.96 4.49
N GLU F 128 16.96 -16.24 6.57
CA GLU F 128 18.10 -15.60 7.21
C GLU F 128 17.82 -14.12 7.47
N THR F 129 17.97 -13.74 8.71
CA THR F 129 17.98 -12.36 9.09
C THR F 129 19.40 -12.01 9.51
N LEU F 130 19.98 -10.99 8.89
CA LEU F 130 21.29 -10.48 9.31
C LEU F 130 21.21 -9.00 9.67
N VAL F 131 21.90 -8.64 10.74
CA VAL F 131 22.12 -7.24 11.12
C VAL F 131 23.57 -6.94 10.80
N LEU F 132 23.81 -5.85 10.04
CA LEU F 132 25.15 -5.35 9.79
C LEU F 132 25.34 -3.93 10.33
N ILE F 133 26.51 -3.67 10.92
N ILE F 133 26.52 -3.67 10.90
CA ILE F 133 26.87 -2.35 11.42
CA ILE F 133 26.91 -2.36 11.44
C ILE F 133 28.12 -1.85 10.71
C ILE F 133 28.11 -1.85 10.66
N LYS F 134 28.07 -0.57 10.35
CA LYS F 134 29.13 0.12 9.66
C LYS F 134 30.16 0.52 10.68
N GLN F 135 31.40 0.12 10.40
CA GLN F 135 32.50 0.32 11.28
C GLN F 135 33.13 1.69 11.07
N ALA F 136 34.07 2.05 11.92
CA ALA F 136 34.69 3.37 11.88
C ALA F 136 35.37 3.74 10.52
N ASP F 137 35.85 2.75 9.78
CA ASP F 137 36.46 2.94 8.47
C ASP F 137 35.51 2.72 7.28
N GLY F 138 34.23 2.56 7.57
CA GLY F 138 33.22 2.39 6.54
C GLY F 138 32.83 0.96 6.22
N ARG F 139 33.63 0.00 6.65
CA ARG F 139 33.33 -1.40 6.34
C ARG F 139 32.12 -1.91 7.11
N TRP F 140 31.28 -2.65 6.41
CA TRP F 140 30.09 -3.26 7.01
C TRP F 140 30.49 -4.64 7.55
N LYS F 141 30.05 -4.92 8.76
CA LYS F 141 30.29 -6.24 9.40
C LYS F 141 28.98 -6.80 9.98
N ILE F 142 28.80 -8.12 9.89
CA ILE F 142 27.59 -8.78 10.40
C ILE F 142 27.69 -8.98 11.91
N THR F 143 26.73 -8.45 12.65
CA THR F 143 26.75 -8.51 14.11
C THR F 143 25.70 -9.46 14.68
N HIS F 144 24.72 -9.82 13.88
CA HIS F 144 23.75 -10.82 14.28
C HIS F 144 23.28 -11.64 13.07
N VAL F 145 23.11 -12.93 13.30
CA VAL F 145 22.65 -13.90 12.30
C VAL F 145 21.57 -14.72 12.92
N HIS F 146 20.44 -14.85 12.23
CA HIS F 146 19.35 -15.76 12.62
C HIS F 146 19.07 -16.64 11.41
N TRP F 147 19.35 -17.94 11.54
CA TRP F 147 19.12 -18.95 10.51
C TRP F 147 18.00 -19.93 10.92
N SER F 148 17.12 -20.22 9.98
CA SER F 148 16.11 -21.27 10.16
C SER F 148 15.74 -21.92 8.82
#